data_3O2M
#
_entry.id   3O2M
#
_cell.length_a   158.379
_cell.length_b   158.379
_cell.length_c   123.959
_cell.angle_alpha   90.00
_cell.angle_beta   90.00
_cell.angle_gamma   120.00
#
_symmetry.space_group_name_H-M   'P 32 2 1'
#
loop_
_entity.id
_entity.type
_entity.pdbx_description
1 polymer 'Mitogen-activated protein kinase 8'
2 polymer 'C-Jun-amino-terminal kinase-interacting protein 1, JIP1, 10MER PEPTIDE'
3 non-polymer "N-butyl-4,6-dimethyl-N-{[2'-(2H-tetrazol-5-yl)biphenyl-4-yl]methyl}pyrimidin-2-amine"
4 non-polymer 'SULFATE ION'
#
loop_
_entity_poly.entity_id
_entity_poly.type
_entity_poly.pdbx_seq_one_letter_code
_entity_poly.pdbx_strand_id
1 'polypeptide(L)'
;MSRSKRDNNFYSVEIGDSTFTVLKRYQNLKPIGSGAQGIVCAAYDAILERNVAIKKLSRPFQNQTHAKRAYRELVLMKCV
NHKNIIGLLNVFTPQKSLEEFQDVYIVMELMDANLCQVIQMELDHERMSYLLYQMLCGIKHLHSAGIIHRDLKPSNIVVK
SDCTLKILDFGLARTAGTSFMMEPEVVTRYYRAPEVILGMGYKENVDIWSVGCIMGEMVCHKILFPGRDYIDQWNKVIEQ
LGTPCPAFMKKLQPTVRNYVENRPKYAGYSFEKLFPDVLFPADSEHNKLKASQARDLLSKMLVIDASKRISVDEALQHPY
INVWYDPSEAEAPPPKIPDKQLDEREHTIEEWKELIYKEVMDLEHHHHHH
;
A,B
2 'polypeptide(L)' PKRPTTLNLF F,G
#
loop_
_chem_comp.id
_chem_comp.type
_chem_comp.name
_chem_comp.formula
46A non-polymer N-butyl-4,6-dimethyl-N-{[2'-(2H-tetrazol-5-yl)biphenyl-4-yl]methyl}pyrimidin-2-amine 'C24 H27 N7'
SO4 non-polymer 'SULFATE ION' 'O4 S -2'
#
# COMPACT_ATOMS: atom_id res chain seq x y z
N ASP A 7 8.89 28.66 -38.08
CA ASP A 7 10.31 29.01 -37.75
C ASP A 7 10.37 30.22 -36.80
N ASN A 8 9.79 30.06 -35.60
CA ASN A 8 9.80 31.15 -34.65
C ASN A 8 11.06 31.00 -33.78
N ASN A 9 10.92 30.80 -32.48
CA ASN A 9 12.08 30.68 -31.62
C ASN A 9 12.43 29.25 -31.28
N PHE A 10 11.65 28.30 -31.82
CA PHE A 10 11.90 26.90 -31.52
C PHE A 10 11.92 26.03 -32.76
N TYR A 11 12.89 25.13 -32.83
CA TYR A 11 12.94 24.16 -33.90
C TYR A 11 12.70 22.85 -33.16
N SER A 12 12.56 21.74 -33.87
CA SER A 12 12.34 20.49 -33.15
C SER A 12 13.29 19.43 -33.69
N VAL A 13 13.43 18.33 -32.94
CA VAL A 13 14.29 17.21 -33.36
C VAL A 13 13.83 15.90 -32.75
N GLU A 14 14.10 14.83 -33.49
CA GLU A 14 13.73 13.48 -33.11
C GLU A 14 14.75 12.89 -32.19
N ILE A 15 14.56 13.08 -30.88
CA ILE A 15 15.49 12.49 -29.90
C ILE A 15 15.08 11.04 -29.66
N GLY A 16 15.81 10.14 -30.28
CA GLY A 16 15.51 8.73 -30.15
C GLY A 16 14.07 8.34 -30.51
N ASP A 17 13.19 8.43 -29.53
CA ASP A 17 11.79 8.04 -29.69
C ASP A 17 10.83 9.23 -29.56
N SER A 18 11.26 10.23 -28.82
CA SER A 18 10.48 11.44 -28.51
C SER A 18 10.82 12.58 -29.49
N THR A 19 10.12 13.71 -29.38
CA THR A 19 10.37 14.87 -30.23
C THR A 19 10.59 16.15 -29.44
N PHE A 20 11.83 16.54 -29.19
CA PHE A 20 12.11 17.78 -28.42
C PHE A 20 11.85 19.02 -29.28
N THR A 21 10.98 19.89 -28.81
CA THR A 21 10.66 21.11 -29.51
C THR A 21 11.27 22.19 -28.63
N VAL A 22 12.45 22.67 -29.01
CA VAL A 22 13.15 23.65 -28.15
C VAL A 22 13.75 24.91 -28.78
N LEU A 23 14.04 25.89 -27.92
CA LEU A 23 14.62 27.14 -28.33
C LEU A 23 15.89 26.96 -29.18
N LYS A 24 16.11 27.93 -30.06
CA LYS A 24 17.23 27.88 -30.97
C LYS A 24 18.59 28.03 -30.35
N ARG A 25 18.68 28.61 -29.15
CA ARG A 25 19.98 28.76 -28.50
C ARG A 25 20.56 27.38 -28.16
N TYR A 26 19.66 26.40 -28.01
CA TYR A 26 20.09 25.04 -27.70
C TYR A 26 20.33 24.28 -29.00
N GLN A 27 21.57 23.79 -29.17
CA GLN A 27 21.96 23.08 -30.39
C GLN A 27 22.68 21.74 -30.16
N ASN A 28 22.56 20.86 -31.17
CA ASN A 28 23.16 19.53 -31.18
C ASN A 28 22.41 18.43 -30.46
N LEU A 29 21.79 18.75 -29.34
CA LEU A 29 21.03 17.75 -28.61
C LEU A 29 21.74 16.41 -28.28
N LYS A 30 21.34 15.30 -28.88
CA LYS A 30 21.95 14.00 -28.49
C LYS A 30 21.41 13.60 -27.07
N PRO A 31 20.80 12.41 -26.95
CA PRO A 31 20.24 11.92 -25.69
C PRO A 31 21.33 11.40 -24.74
N ILE A 32 21.07 11.45 -23.43
CA ILE A 32 22.04 10.95 -22.46
C ILE A 32 21.41 10.22 -21.28
N GLY A 33 20.11 10.44 -21.10
CA GLY A 33 19.44 9.77 -20.01
C GLY A 33 17.96 9.63 -20.19
N SER A 34 17.49 8.38 -20.10
CA SER A 34 16.07 8.07 -20.22
C SER A 34 15.60 7.55 -18.85
N GLY A 35 14.85 8.37 -18.11
CA GLY A 35 14.39 7.94 -16.80
C GLY A 35 12.89 7.86 -16.55
N ALA A 36 12.55 7.43 -15.33
CA ALA A 36 11.17 7.28 -14.85
C ALA A 36 10.42 8.63 -14.74
N GLN A 37 11.14 9.74 -14.93
CA GLN A 37 10.53 11.07 -14.83
C GLN A 37 10.91 12.09 -15.92
N GLY A 38 11.63 11.65 -16.97
CA GLY A 38 12.00 12.55 -18.04
C GLY A 38 13.14 12.12 -18.95
N ILE A 39 13.09 12.58 -20.20
CA ILE A 39 14.14 12.29 -21.17
C ILE A 39 15.08 13.52 -21.13
N VAL A 40 16.36 13.24 -20.96
CA VAL A 40 17.37 14.29 -20.83
C VAL A 40 18.39 14.21 -21.94
N CYS A 41 18.77 15.37 -22.48
CA CYS A 41 19.76 15.41 -23.53
C CYS A 41 20.87 16.41 -23.24
N ALA A 42 22.02 16.17 -23.87
CA ALA A 42 23.18 17.05 -23.76
C ALA A 42 22.85 18.11 -24.77
N ALA A 43 23.61 19.19 -24.78
CA ALA A 43 23.34 20.26 -25.73
C ALA A 43 24.35 21.35 -25.62
N TYR A 44 24.42 22.15 -26.68
CA TYR A 44 25.31 23.27 -26.71
C TYR A 44 24.42 24.49 -26.69
N ASP A 45 24.68 25.43 -25.79
CA ASP A 45 23.89 26.66 -25.71
C ASP A 45 24.73 27.80 -26.30
N ALA A 46 24.34 28.27 -27.48
CA ALA A 46 25.08 29.35 -28.16
C ALA A 46 25.10 30.65 -27.39
N ILE A 47 23.99 31.01 -26.76
CA ILE A 47 24.00 32.26 -26.02
C ILE A 47 24.99 32.19 -24.86
N LEU A 48 25.07 31.04 -24.21
CA LEU A 48 26.00 30.88 -23.07
C LEU A 48 27.36 30.36 -23.50
N GLU A 49 27.39 29.61 -24.61
CA GLU A 49 28.61 29.02 -25.13
C GLU A 49 29.26 28.07 -24.15
N ARG A 50 28.54 27.01 -23.84
CA ARG A 50 29.01 25.97 -22.94
C ARG A 50 27.91 24.96 -23.07
N ASN A 51 28.24 23.68 -22.96
CA ASN A 51 27.20 22.67 -23.09
C ASN A 51 26.26 22.66 -21.90
N VAL A 52 25.01 22.30 -22.15
CA VAL A 52 24.01 22.26 -21.11
C VAL A 52 23.20 20.97 -21.17
N ALA A 53 22.36 20.76 -20.17
CA ALA A 53 21.53 19.57 -20.12
C ALA A 53 20.07 19.95 -20.20
N ILE A 54 19.33 19.25 -21.04
CA ILE A 54 17.91 19.54 -21.20
C ILE A 54 17.05 18.32 -20.90
N LYS A 55 16.03 18.55 -20.08
CA LYS A 55 15.15 17.50 -19.64
C LYS A 55 13.68 17.78 -19.99
N LYS A 56 13.09 16.91 -20.79
CA LYS A 56 11.69 17.11 -21.09
C LYS A 56 10.97 16.34 -20.00
N LEU A 57 10.10 17.02 -19.28
CA LEU A 57 9.35 16.32 -18.25
C LEU A 57 8.33 15.45 -19.00
N SER A 58 8.66 14.15 -19.09
CA SER A 58 7.86 13.14 -19.77
C SER A 58 6.49 12.91 -19.14
N ARG A 59 5.45 13.49 -19.74
CA ARG A 59 4.07 13.38 -19.26
C ARG A 59 3.92 14.05 -17.91
N PRO A 60 3.70 15.37 -17.92
CA PRO A 60 3.55 16.11 -16.66
C PRO A 60 2.11 16.03 -16.17
N PHE A 61 1.19 15.54 -17.01
CA PHE A 61 -0.20 15.50 -16.58
C PHE A 61 -1.05 14.27 -16.80
N GLN A 62 -0.44 13.11 -16.93
CA GLN A 62 -1.29 11.94 -17.09
C GLN A 62 -1.90 11.63 -15.72
N ASN A 63 -1.54 12.43 -14.70
CA ASN A 63 -2.09 12.21 -13.36
C ASN A 63 -1.56 13.08 -12.23
N GLN A 64 -2.39 13.25 -11.22
CA GLN A 64 -2.05 14.05 -10.05
C GLN A 64 -0.70 13.70 -9.47
N THR A 65 -0.28 12.45 -9.63
CA THR A 65 1.01 12.05 -9.08
C THR A 65 2.16 12.67 -9.89
N HIS A 66 2.12 12.52 -11.22
CA HIS A 66 3.17 13.13 -12.05
C HIS A 66 3.17 14.64 -11.85
N ALA A 67 1.98 15.22 -11.85
CA ALA A 67 1.86 16.65 -11.69
C ALA A 67 2.64 17.19 -10.51
N LYS A 68 2.26 16.77 -9.30
CA LYS A 68 2.93 17.28 -8.11
C LYS A 68 4.41 16.96 -8.13
N ARG A 69 4.79 15.95 -8.91
CA ARG A 69 6.19 15.62 -8.96
C ARG A 69 6.88 16.64 -9.86
N ALA A 70 6.21 17.00 -10.96
CA ALA A 70 6.77 17.99 -11.87
C ALA A 70 6.88 19.31 -11.12
N TYR A 71 5.75 19.83 -10.63
CA TYR A 71 5.74 21.09 -9.88
C TYR A 71 6.88 21.18 -8.88
N ARG A 72 7.05 20.14 -8.09
CA ARG A 72 8.11 20.10 -7.07
C ARG A 72 9.53 20.21 -7.63
N GLU A 73 9.77 19.58 -8.77
CA GLU A 73 11.07 19.63 -9.39
C GLU A 73 11.31 21.12 -9.70
N LEU A 74 10.32 21.74 -10.35
CA LEU A 74 10.36 23.14 -10.73
C LEU A 74 10.68 24.08 -9.59
N VAL A 75 9.85 24.04 -8.56
CA VAL A 75 10.01 24.87 -7.38
C VAL A 75 11.36 24.68 -6.75
N LEU A 76 11.67 23.40 -6.49
CA LEU A 76 12.94 23.05 -5.87
C LEU A 76 14.16 23.46 -6.68
N MET A 77 14.18 23.18 -7.97
CA MET A 77 15.32 23.59 -8.78
C MET A 77 15.53 25.11 -8.72
N LYS A 78 14.48 25.86 -8.38
CA LYS A 78 14.60 27.30 -8.29
C LYS A 78 14.98 27.81 -6.90
N CYS A 79 14.46 27.18 -5.86
CA CYS A 79 14.73 27.62 -4.50
C CYS A 79 15.90 26.99 -3.76
N VAL A 80 16.43 25.89 -4.27
CA VAL A 80 17.53 25.28 -3.53
C VAL A 80 18.83 25.38 -4.29
N ASN A 81 19.71 26.26 -3.80
CA ASN A 81 21.00 26.49 -4.41
C ASN A 81 22.11 26.21 -3.43
N HIS A 82 23.15 25.55 -3.91
CA HIS A 82 24.28 25.16 -3.08
C HIS A 82 25.30 24.67 -4.08
N LYS A 83 26.58 24.74 -3.74
CA LYS A 83 27.60 24.31 -4.70
C LYS A 83 27.51 22.82 -5.02
N ASN A 84 26.73 22.08 -4.25
CA ASN A 84 26.60 20.65 -4.48
C ASN A 84 25.20 20.24 -4.91
N ILE A 85 24.45 21.20 -5.45
CA ILE A 85 23.10 20.93 -5.94
C ILE A 85 23.08 21.41 -7.39
N ILE A 86 22.72 20.55 -8.34
CA ILE A 86 22.69 20.94 -9.75
C ILE A 86 22.07 22.33 -9.94
N GLY A 87 22.72 23.15 -10.76
CA GLY A 87 22.23 24.50 -10.98
C GLY A 87 21.22 24.59 -12.10
N LEU A 88 20.12 25.28 -11.81
CA LEU A 88 19.05 25.52 -12.77
C LEU A 88 19.35 26.68 -13.75
N LEU A 89 19.66 26.33 -14.99
CA LEU A 89 19.97 27.37 -15.96
C LEU A 89 18.73 28.01 -16.55
N ASN A 90 17.85 27.21 -17.15
CA ASN A 90 16.67 27.77 -17.78
C ASN A 90 15.53 26.77 -17.84
N VAL A 91 14.29 27.26 -17.94
CA VAL A 91 13.10 26.40 -18.07
C VAL A 91 12.06 27.10 -18.94
N PHE A 92 11.45 26.36 -19.88
CA PHE A 92 10.49 26.96 -20.80
C PHE A 92 9.51 25.95 -21.40
N THR A 93 8.50 26.45 -22.12
CA THR A 93 7.55 25.58 -22.82
C THR A 93 7.33 26.10 -24.23
N PRO A 94 7.19 25.21 -25.21
CA PRO A 94 6.99 25.70 -26.57
C PRO A 94 5.51 25.86 -26.89
N GLN A 95 4.65 25.81 -25.88
CA GLN A 95 3.23 26.00 -26.15
C GLN A 95 2.91 27.46 -25.84
N LYS A 96 2.02 28.07 -26.64
CA LYS A 96 1.69 29.49 -26.48
C LYS A 96 0.64 29.99 -25.47
N SER A 97 -0.30 29.12 -25.10
CA SER A 97 -1.32 29.52 -24.12
C SER A 97 -1.58 28.40 -23.11
N LEU A 98 -2.04 28.79 -21.93
CA LEU A 98 -2.36 27.81 -20.90
C LEU A 98 -3.23 26.69 -21.52
N GLU A 99 -4.02 27.08 -22.52
CA GLU A 99 -4.90 26.11 -23.17
C GLU A 99 -4.04 25.15 -23.99
N GLU A 100 -3.11 25.70 -24.76
CA GLU A 100 -2.25 24.87 -25.60
C GLU A 100 -1.18 24.17 -24.73
N PHE A 101 -0.83 24.78 -23.60
CA PHE A 101 0.19 24.28 -22.67
C PHE A 101 0.20 22.79 -22.46
N GLN A 102 1.31 22.16 -22.79
CA GLN A 102 1.41 20.71 -22.65
C GLN A 102 2.77 20.17 -22.14
N ASP A 103 3.86 20.83 -22.52
CA ASP A 103 5.18 20.38 -22.11
C ASP A 103 6.02 21.36 -21.30
N VAL A 104 7.00 20.81 -20.61
CA VAL A 104 7.90 21.60 -19.81
C VAL A 104 9.33 21.11 -20.07
N TYR A 105 10.21 22.08 -20.30
CA TYR A 105 11.62 21.80 -20.56
C TYR A 105 12.47 22.45 -19.49
N ILE A 106 13.32 21.64 -18.86
CA ILE A 106 14.21 22.12 -17.82
C ILE A 106 15.62 21.99 -18.30
N VAL A 107 16.31 23.13 -18.33
CA VAL A 107 17.69 23.22 -18.76
C VAL A 107 18.54 23.45 -17.54
N MET A 108 19.60 22.68 -17.41
CA MET A 108 20.46 22.83 -16.25
C MET A 108 21.91 22.52 -16.59
N GLU A 109 22.78 22.58 -15.58
CA GLU A 109 24.19 22.34 -15.74
C GLU A 109 24.42 20.93 -16.22
N LEU A 110 25.44 20.79 -17.06
CA LEU A 110 25.84 19.51 -17.59
C LEU A 110 27.21 19.22 -16.97
N MET A 111 27.34 18.09 -16.30
CA MET A 111 28.62 17.73 -15.72
C MET A 111 29.34 16.81 -16.72
N ASP A 112 30.32 16.04 -16.26
CA ASP A 112 31.04 15.14 -17.16
C ASP A 112 30.59 13.70 -17.08
N ALA A 113 30.16 13.27 -15.90
CA ALA A 113 29.76 11.89 -15.74
C ALA A 113 28.91 11.54 -14.52
N ASN A 114 28.60 10.26 -14.43
CA ASN A 114 27.80 9.66 -13.36
C ASN A 114 28.66 9.08 -12.27
N LEU A 115 28.07 8.81 -11.12
CA LEU A 115 28.81 8.13 -10.06
C LEU A 115 28.95 6.69 -10.55
N CYS A 116 28.07 6.28 -11.48
CA CYS A 116 28.17 4.94 -12.03
C CYS A 116 29.52 4.83 -12.67
N GLN A 117 30.01 5.96 -13.14
CA GLN A 117 31.30 6.02 -13.77
C GLN A 117 32.41 5.94 -12.73
N VAL A 118 32.21 6.60 -11.59
CA VAL A 118 33.20 6.61 -10.51
C VAL A 118 33.25 5.25 -9.86
N ILE A 119 32.13 4.55 -9.87
CA ILE A 119 32.05 3.22 -9.32
C ILE A 119 32.89 2.26 -10.19
N GLN A 120 33.22 2.70 -11.40
CA GLN A 120 34.03 1.86 -12.27
C GLN A 120 35.52 2.16 -12.28
N MET A 121 35.99 2.82 -11.23
CA MET A 121 37.41 3.10 -11.14
C MET A 121 37.94 2.89 -9.72
N GLU A 122 39.26 2.84 -9.59
CA GLU A 122 39.90 2.73 -8.30
C GLU A 122 40.05 4.16 -7.78
N LEU A 123 39.77 4.39 -6.51
CA LEU A 123 39.91 5.73 -5.93
C LEU A 123 40.97 5.71 -4.82
N ASP A 124 41.43 6.88 -4.38
CA ASP A 124 42.42 6.98 -3.31
C ASP A 124 41.63 7.57 -2.17
N HIS A 125 42.10 7.42 -0.95
CA HIS A 125 41.32 7.95 0.15
C HIS A 125 40.91 9.42 0.07
N GLU A 126 41.69 10.25 -0.61
CA GLU A 126 41.30 11.66 -0.68
C GLU A 126 40.11 11.84 -1.62
N ARG A 127 40.15 11.22 -2.78
CA ARG A 127 39.04 11.34 -3.70
C ARG A 127 37.76 10.73 -3.17
N MET A 128 37.85 9.54 -2.58
CA MET A 128 36.63 8.92 -2.08
C MET A 128 36.04 9.66 -0.90
N SER A 129 36.92 10.04 0.02
CA SER A 129 36.48 10.78 1.18
C SER A 129 35.85 12.09 0.74
N TYR A 130 36.53 12.79 -0.16
CA TYR A 130 36.05 14.07 -0.65
C TYR A 130 34.73 14.01 -1.42
N LEU A 131 34.58 13.03 -2.29
CA LEU A 131 33.33 12.92 -3.02
C LEU A 131 32.14 12.73 -2.06
N LEU A 132 32.33 11.94 -1.01
CA LEU A 132 31.29 11.68 -0.02
C LEU A 132 30.94 12.94 0.74
N TYR A 133 31.98 13.71 1.08
CA TYR A 133 31.79 14.96 1.79
C TYR A 133 30.94 15.91 0.95
N GLN A 134 31.24 16.03 -0.33
CA GLN A 134 30.45 16.94 -1.15
C GLN A 134 29.02 16.46 -1.23
N MET A 135 28.88 15.14 -1.34
CA MET A 135 27.58 14.54 -1.46
C MET A 135 26.80 14.77 -0.19
N LEU A 136 27.45 14.68 0.95
CA LEU A 136 26.79 14.88 2.24
C LEU A 136 26.45 16.34 2.47
N CYS A 137 27.24 17.26 1.91
CA CYS A 137 27.00 18.71 2.01
C CYS A 137 25.77 19.07 1.22
N GLY A 138 25.56 18.38 0.11
CA GLY A 138 24.39 18.66 -0.68
C GLY A 138 23.13 18.17 0.00
N ILE A 139 23.20 16.96 0.53
CA ILE A 139 22.05 16.38 1.20
C ILE A 139 21.73 17.21 2.45
N LYS A 140 22.79 17.63 3.13
CA LYS A 140 22.64 18.42 4.33
C LYS A 140 21.91 19.71 4.01
N HIS A 141 22.15 20.27 2.83
CA HIS A 141 21.47 21.49 2.46
C HIS A 141 19.99 21.24 2.34
N LEU A 142 19.61 20.09 1.78
CA LEU A 142 18.20 19.75 1.64
C LEU A 142 17.56 19.48 3.00
N HIS A 143 18.27 18.74 3.85
CA HIS A 143 17.72 18.41 5.15
C HIS A 143 17.55 19.61 6.07
N SER A 144 18.37 20.64 5.87
CA SER A 144 18.26 21.83 6.70
C SER A 144 16.93 22.54 6.42
N ALA A 145 16.25 22.16 5.35
CA ALA A 145 14.94 22.73 5.02
C ALA A 145 13.87 21.65 5.25
N GLY A 146 14.27 20.54 5.85
CA GLY A 146 13.36 19.45 6.12
C GLY A 146 12.97 18.72 4.86
N ILE A 147 13.69 18.99 3.77
CA ILE A 147 13.42 18.38 2.47
C ILE A 147 14.20 17.09 2.31
N ILE A 148 13.52 15.98 2.05
CA ILE A 148 14.20 14.72 1.89
C ILE A 148 14.24 14.36 0.43
N HIS A 149 15.38 13.88 -0.04
CA HIS A 149 15.51 13.55 -1.43
C HIS A 149 14.70 12.34 -1.90
N ARG A 150 14.87 11.21 -1.21
CA ARG A 150 14.17 9.96 -1.50
C ARG A 150 14.58 9.16 -2.75
N ASP A 151 15.34 9.72 -3.67
CA ASP A 151 15.71 8.93 -4.84
C ASP A 151 17.21 9.00 -5.11
N LEU A 152 18.01 9.00 -4.04
CA LEU A 152 19.46 9.04 -4.18
C LEU A 152 19.99 7.72 -4.71
N LYS A 153 20.76 7.79 -5.79
CA LYS A 153 21.36 6.62 -6.42
C LYS A 153 22.57 7.06 -7.26
N PRO A 154 23.36 6.11 -7.77
CA PRO A 154 24.52 6.53 -8.55
C PRO A 154 24.31 7.40 -9.77
N SER A 155 23.15 7.33 -10.41
CA SER A 155 22.93 8.13 -11.59
C SER A 155 22.29 9.48 -11.27
N ASN A 156 22.12 9.79 -10.00
CA ASN A 156 21.57 11.06 -9.61
C ASN A 156 22.65 11.91 -9.00
N ILE A 157 23.85 11.36 -8.93
CA ILE A 157 25.00 12.08 -8.42
C ILE A 157 25.88 12.31 -9.63
N VAL A 158 26.27 13.55 -9.89
CA VAL A 158 27.10 13.82 -11.05
C VAL A 158 28.41 14.51 -10.74
N VAL A 159 29.43 14.25 -11.54
CA VAL A 159 30.74 14.82 -11.28
C VAL A 159 31.51 15.41 -12.46
N LYS A 160 32.36 16.37 -12.15
CA LYS A 160 33.21 17.02 -13.15
C LYS A 160 34.62 16.46 -13.00
N SER A 161 35.43 16.68 -14.03
CA SER A 161 36.80 16.23 -14.11
C SER A 161 37.75 16.91 -13.12
N ASP A 162 37.24 17.89 -12.39
CA ASP A 162 38.02 18.63 -11.39
C ASP A 162 37.62 18.13 -10.00
N CYS A 163 36.95 16.97 -9.98
CA CYS A 163 36.51 16.32 -8.76
C CYS A 163 35.43 17.04 -7.97
N THR A 164 34.49 17.66 -8.66
CA THR A 164 33.40 18.34 -7.97
C THR A 164 32.18 17.44 -8.12
N LEU A 165 31.22 17.57 -7.21
CA LEU A 165 30.04 16.72 -7.24
C LEU A 165 28.78 17.52 -6.94
N LYS A 166 27.69 17.19 -7.62
CA LYS A 166 26.42 17.86 -7.38
C LYS A 166 25.31 16.82 -7.36
N ILE A 167 24.35 17.02 -6.47
CA ILE A 167 23.21 16.11 -6.40
C ILE A 167 22.27 16.63 -7.48
N LEU A 168 21.36 15.78 -7.93
CA LEU A 168 20.45 16.19 -8.97
C LEU A 168 19.11 15.39 -8.87
N ASP A 169 18.06 15.88 -9.50
CA ASP A 169 16.78 15.19 -9.51
C ASP A 169 15.90 15.36 -8.29
N PHE A 170 14.99 16.31 -8.29
CA PHE A 170 14.17 16.51 -7.11
C PHE A 170 12.68 16.25 -7.19
N GLY A 171 12.23 15.51 -8.19
CA GLY A 171 10.81 15.24 -8.31
C GLY A 171 10.22 14.47 -7.12
N LEU A 172 10.98 13.50 -6.64
CA LEU A 172 10.53 12.67 -5.53
C LEU A 172 10.78 13.34 -4.21
N ALA A 173 11.41 14.51 -4.27
CA ALA A 173 11.76 15.21 -3.07
C ALA A 173 10.58 15.76 -2.35
N ARG A 174 10.61 15.64 -1.03
CA ARG A 174 9.54 16.14 -0.21
C ARG A 174 9.81 16.00 1.28
N THR A 175 8.89 16.50 2.07
CA THR A 175 9.01 16.47 3.52
C THR A 175 8.68 15.12 4.15
N ALA A 176 9.21 14.88 5.36
CA ALA A 176 8.98 13.61 6.07
C ALA A 176 7.49 13.20 6.25
N GLY A 177 7.23 11.97 6.74
CA GLY A 177 5.86 11.50 6.94
C GLY A 177 5.62 10.07 6.49
N THR A 178 4.40 9.74 6.03
CA THR A 178 4.08 8.37 5.54
C THR A 178 4.95 8.05 4.31
N SER A 179 5.28 6.77 4.15
CA SER A 179 6.10 6.32 3.03
C SER A 179 5.27 5.78 1.88
N PHE A 180 3.94 5.90 1.96
CA PHE A 180 3.13 5.36 0.88
C PHE A 180 3.19 6.19 -0.39
N MET A 181 4.05 5.83 -1.32
CA MET A 181 4.10 6.61 -2.55
C MET A 181 3.39 5.88 -3.70
N MET A 182 3.11 6.65 -4.75
CA MET A 182 2.46 6.10 -5.92
C MET A 182 3.61 5.68 -6.81
N GLU A 183 3.34 4.71 -7.67
CA GLU A 183 4.35 4.21 -8.59
C GLU A 183 5.72 4.15 -7.92
N PRO A 184 5.85 3.34 -6.85
CA PRO A 184 7.11 3.16 -6.11
C PRO A 184 8.16 2.63 -7.05
N GLU A 185 7.71 2.21 -8.23
CA GLU A 185 8.60 1.68 -9.24
C GLU A 185 9.54 2.80 -9.69
N VAL A 186 9.25 4.03 -9.30
CA VAL A 186 10.09 5.15 -9.71
C VAL A 186 11.43 5.17 -8.99
N VAL A 187 11.45 4.69 -7.76
CA VAL A 187 12.68 4.66 -7.00
C VAL A 187 13.38 3.31 -7.22
N THR A 188 14.65 3.34 -7.63
CA THR A 188 15.39 2.10 -7.84
C THR A 188 15.44 1.33 -6.52
N ARG A 189 15.20 0.01 -6.60
CA ARG A 189 15.14 -0.78 -5.39
C ARG A 189 16.39 -1.16 -4.64
N TYR A 190 17.52 -1.25 -5.32
CA TYR A 190 18.73 -1.62 -4.63
C TYR A 190 19.11 -0.56 -3.60
N TYR A 191 18.46 0.59 -3.67
CA TYR A 191 18.73 1.69 -2.76
C TYR A 191 17.59 2.06 -1.82
N ARG A 192 16.52 1.28 -1.82
CA ARG A 192 15.38 1.54 -0.95
C ARG A 192 15.75 1.24 0.50
N ALA A 193 15.47 2.16 1.41
CA ALA A 193 15.79 1.92 2.81
C ALA A 193 14.76 0.99 3.42
N PRO A 194 15.15 0.26 4.48
CA PRO A 194 14.26 -0.65 5.18
C PRO A 194 12.90 -0.02 5.47
N GLU A 195 12.93 1.22 5.93
CA GLU A 195 11.69 1.91 6.24
C GLU A 195 10.84 2.19 5.00
N VAL A 196 11.46 2.30 3.84
CA VAL A 196 10.70 2.56 2.63
C VAL A 196 10.12 1.23 2.16
N ILE A 197 10.92 0.19 2.28
CA ILE A 197 10.52 -1.16 1.89
C ILE A 197 9.34 -1.67 2.70
N LEU A 198 9.49 -1.66 4.03
CA LEU A 198 8.45 -2.15 4.93
C LEU A 198 7.30 -1.21 5.19
N GLY A 199 7.24 -0.13 4.45
CA GLY A 199 6.14 0.82 4.61
C GLY A 199 6.04 1.56 5.92
N MET A 200 7.15 1.71 6.62
CA MET A 200 7.15 2.43 7.89
C MET A 200 7.25 3.91 7.58
N GLY A 201 7.35 4.72 8.62
CA GLY A 201 7.50 6.14 8.38
C GLY A 201 8.95 6.42 8.01
N TYR A 202 9.23 7.62 7.56
CA TYR A 202 10.61 7.95 7.21
C TYR A 202 10.95 9.39 7.56
N LYS A 203 12.17 9.59 8.04
CA LYS A 203 12.62 10.92 8.43
C LYS A 203 13.81 11.28 7.51
N GLU A 204 14.51 12.37 7.80
CA GLU A 204 15.60 12.73 6.91
C GLU A 204 16.69 11.69 6.72
N ASN A 205 16.98 10.88 7.74
CA ASN A 205 18.05 9.93 7.56
C ASN A 205 17.72 8.73 6.69
N VAL A 206 16.59 8.80 5.97
CA VAL A 206 16.26 7.71 5.08
C VAL A 206 17.24 7.85 3.91
N ASP A 207 17.72 9.08 3.69
CA ASP A 207 18.68 9.38 2.62
C ASP A 207 20.06 8.82 2.94
N ILE A 208 20.40 8.78 4.22
CA ILE A 208 21.69 8.30 4.66
C ILE A 208 21.86 6.80 4.40
N TRP A 209 20.74 6.09 4.31
CA TRP A 209 20.81 4.65 3.99
C TRP A 209 21.20 4.47 2.52
N SER A 210 20.81 5.44 1.68
CA SER A 210 21.16 5.38 0.26
C SER A 210 22.65 5.71 0.12
N VAL A 211 23.08 6.68 0.92
CA VAL A 211 24.47 7.09 0.93
C VAL A 211 25.28 5.85 1.26
N GLY A 212 24.79 5.10 2.25
CA GLY A 212 25.47 3.88 2.64
C GLY A 212 25.51 2.85 1.53
N CYS A 213 24.41 2.67 0.84
CA CYS A 213 24.36 1.72 -0.25
C CYS A 213 25.32 2.12 -1.33
N ILE A 214 25.35 3.41 -1.61
CA ILE A 214 26.23 3.94 -2.64
C ILE A 214 27.72 3.82 -2.33
N MET A 215 28.11 4.26 -1.14
CA MET A 215 29.49 4.21 -0.71
C MET A 215 29.94 2.75 -0.75
N GLY A 216 29.01 1.85 -0.42
CA GLY A 216 29.31 0.44 -0.41
C GLY A 216 29.60 -0.07 -1.80
N GLU A 217 28.91 0.49 -2.78
CA GLU A 217 29.09 0.12 -4.16
C GLU A 217 30.40 0.67 -4.66
N MET A 218 30.82 1.82 -4.15
CA MET A 218 32.07 2.42 -4.58
C MET A 218 33.23 1.58 -4.10
N VAL A 219 33.10 1.03 -2.91
CA VAL A 219 34.13 0.20 -2.33
C VAL A 219 34.15 -1.16 -2.99
N CYS A 220 32.98 -1.76 -3.13
CA CYS A 220 32.88 -3.10 -3.70
C CYS A 220 32.76 -3.16 -5.20
N HIS A 221 32.22 -2.12 -5.81
CA HIS A 221 32.07 -2.05 -7.26
C HIS A 221 30.93 -2.92 -7.79
N LYS A 222 30.28 -3.63 -6.89
CA LYS A 222 29.15 -4.45 -7.27
C LYS A 222 28.02 -4.01 -6.38
N ILE A 223 26.81 -3.99 -6.92
CA ILE A 223 25.67 -3.56 -6.12
C ILE A 223 25.62 -4.32 -4.79
N LEU A 224 25.42 -3.56 -3.72
CA LEU A 224 25.38 -4.10 -2.37
C LEU A 224 24.28 -5.10 -2.06
N PHE A 225 23.03 -4.68 -2.20
CA PHE A 225 21.92 -5.57 -1.94
C PHE A 225 21.23 -5.75 -3.26
N PRO A 226 21.65 -6.76 -4.04
CA PRO A 226 21.03 -7.00 -5.35
C PRO A 226 19.55 -7.19 -5.10
N GLY A 227 18.96 -8.29 -5.51
CA GLY A 227 17.54 -8.37 -5.20
C GLY A 227 16.73 -8.35 -6.47
N ARG A 228 16.02 -9.44 -6.67
CA ARG A 228 15.23 -9.68 -7.85
C ARG A 228 13.84 -9.05 -7.95
N ASP A 229 13.30 -8.58 -6.83
CA ASP A 229 12.01 -7.92 -6.85
C ASP A 229 11.80 -7.11 -5.58
N TYR A 230 10.69 -6.39 -5.51
CA TYR A 230 10.46 -5.54 -4.36
C TYR A 230 10.61 -6.24 -3.01
N ILE A 231 10.09 -7.46 -2.93
CA ILE A 231 10.13 -8.23 -1.71
C ILE A 231 11.49 -8.89 -1.47
N ASP A 232 12.11 -9.44 -2.50
CA ASP A 232 13.42 -10.09 -2.37
C ASP A 232 14.45 -9.06 -1.89
N GLN A 233 14.16 -7.79 -2.10
CA GLN A 233 15.08 -6.76 -1.65
C GLN A 233 15.30 -6.93 -0.15
N TRP A 234 14.24 -7.24 0.59
CA TRP A 234 14.35 -7.41 2.03
C TRP A 234 15.17 -8.64 2.41
N ASN A 235 15.02 -9.70 1.65
CA ASN A 235 15.78 -10.92 1.90
C ASN A 235 17.26 -10.55 1.81
N LYS A 236 17.63 -9.83 0.75
CA LYS A 236 19.02 -9.42 0.57
C LYS A 236 19.58 -8.59 1.71
N VAL A 237 18.80 -7.65 2.23
CA VAL A 237 19.31 -6.84 3.32
C VAL A 237 19.60 -7.64 4.57
N ILE A 238 18.64 -8.42 5.03
CA ILE A 238 18.83 -9.20 6.24
C ILE A 238 19.88 -10.29 6.10
N GLU A 239 20.06 -10.83 4.90
CA GLU A 239 21.06 -11.85 4.77
C GLU A 239 22.42 -11.24 5.02
N GLN A 240 22.59 -9.99 4.60
CA GLN A 240 23.85 -9.29 4.80
C GLN A 240 23.95 -8.61 6.16
N LEU A 241 22.91 -7.89 6.55
CA LEU A 241 22.92 -7.15 7.79
C LEU A 241 22.43 -7.84 9.03
N GLY A 242 21.66 -8.90 8.84
CA GLY A 242 21.13 -9.64 9.98
C GLY A 242 19.67 -9.38 10.17
N THR A 243 18.94 -10.32 10.75
CA THR A 243 17.52 -10.13 11.00
C THR A 243 17.43 -9.09 12.07
N PRO A 244 16.58 -8.08 11.89
CA PRO A 244 16.48 -7.05 12.92
C PRO A 244 15.90 -7.52 14.26
N CYS A 245 16.18 -6.75 15.32
CA CYS A 245 15.71 -7.09 16.67
C CYS A 245 14.19 -6.94 16.81
N PRO A 246 13.62 -7.47 17.90
CA PRO A 246 12.17 -7.38 18.14
C PRO A 246 11.64 -5.97 18.40
N ALA A 247 12.49 -5.08 18.90
CA ALA A 247 12.05 -3.72 19.15
C ALA A 247 11.65 -3.02 17.83
N PHE A 248 12.29 -3.45 16.73
CA PHE A 248 12.01 -2.91 15.40
C PHE A 248 10.82 -3.58 14.69
N MET A 249 10.59 -4.87 14.96
CA MET A 249 9.47 -5.60 14.33
C MET A 249 8.18 -5.03 14.88
N LYS A 250 8.22 -4.66 16.15
CA LYS A 250 7.09 -4.09 16.87
C LYS A 250 6.64 -2.74 16.23
N LYS A 251 7.47 -2.15 15.39
CA LYS A 251 7.14 -0.89 14.75
C LYS A 251 6.49 -1.09 13.38
N LEU A 252 6.49 -2.33 12.89
CA LEU A 252 5.94 -2.60 11.58
C LEU A 252 4.44 -2.64 11.58
N GLN A 253 3.86 -2.46 10.39
CA GLN A 253 2.42 -2.50 10.21
C GLN A 253 2.05 -3.94 10.45
N PRO A 254 0.94 -4.18 11.15
CA PRO A 254 0.49 -5.56 11.46
C PRO A 254 0.66 -6.54 10.28
N THR A 255 0.18 -6.16 9.10
CA THR A 255 0.27 -6.99 7.91
C THR A 255 1.68 -7.32 7.50
N VAL A 256 2.56 -6.35 7.59
CA VAL A 256 3.96 -6.53 7.23
C VAL A 256 4.76 -7.22 8.32
N ARG A 257 4.57 -6.78 9.56
CA ARG A 257 5.28 -7.37 10.70
C ARG A 257 5.22 -8.89 10.71
N ASN A 258 4.03 -9.43 10.51
CA ASN A 258 3.85 -10.87 10.51
C ASN A 258 4.75 -11.57 9.46
N TYR A 259 4.79 -11.03 8.25
CA TYR A 259 5.63 -11.58 7.21
C TYR A 259 7.13 -11.50 7.58
N VAL A 260 7.54 -10.38 8.14
CA VAL A 260 8.92 -10.18 8.55
C VAL A 260 9.37 -11.17 9.64
N GLU A 261 8.45 -11.53 10.52
CA GLU A 261 8.74 -12.44 11.60
C GLU A 261 8.78 -13.90 11.13
N ASN A 262 8.12 -14.18 10.02
CA ASN A 262 8.15 -15.54 9.51
C ASN A 262 9.35 -15.75 8.62
N ARG A 263 10.16 -14.72 8.38
CA ARG A 263 11.32 -14.93 7.52
C ARG A 263 12.32 -15.77 8.26
N PRO A 264 13.27 -16.37 7.53
CA PRO A 264 14.29 -17.18 8.17
C PRO A 264 15.16 -16.23 8.99
N LYS A 265 15.81 -16.75 10.01
CA LYS A 265 16.65 -15.92 10.86
C LYS A 265 18.06 -15.85 10.30
N TYR A 266 18.59 -14.63 10.19
CA TYR A 266 19.94 -14.42 9.66
C TYR A 266 20.78 -13.74 10.69
N ALA A 267 22.03 -14.16 10.82
CA ALA A 267 22.91 -13.54 11.78
C ALA A 267 23.58 -12.36 11.12
N GLY A 268 23.61 -12.36 9.79
CA GLY A 268 24.25 -11.29 9.06
C GLY A 268 25.75 -11.51 9.09
N TYR A 269 26.51 -10.72 8.35
CA TYR A 269 27.97 -10.88 8.33
C TYR A 269 28.63 -9.66 8.91
N SER A 270 29.86 -9.79 9.39
CA SER A 270 30.52 -8.63 9.97
C SER A 270 30.89 -7.60 8.90
N PHE A 271 31.12 -6.37 9.32
CA PHE A 271 31.47 -5.36 8.34
C PHE A 271 32.83 -5.52 7.69
N GLU A 272 33.58 -6.55 8.06
CA GLU A 272 34.89 -6.73 7.47
C GLU A 272 34.93 -7.91 6.53
N LYS A 273 33.85 -8.67 6.55
CA LYS A 273 33.70 -9.81 5.66
C LYS A 273 32.95 -9.11 4.57
N LEU A 274 32.03 -8.24 4.99
CA LEU A 274 31.24 -7.46 4.06
C LEU A 274 32.14 -6.56 3.29
N PHE A 275 33.04 -5.88 4.00
CA PHE A 275 33.99 -4.93 3.39
C PHE A 275 35.43 -5.16 3.80
N PRO A 276 36.08 -6.15 3.21
CA PRO A 276 37.47 -6.43 3.56
C PRO A 276 38.33 -5.26 3.12
N ASP A 277 39.48 -5.04 3.76
CA ASP A 277 40.39 -3.94 3.42
C ASP A 277 40.76 -3.84 1.96
N VAL A 278 41.22 -4.93 1.37
CA VAL A 278 41.59 -4.93 -0.04
C VAL A 278 40.70 -4.05 -0.90
N LEU A 279 39.40 -4.13 -0.67
CA LEU A 279 38.43 -3.34 -1.43
C LEU A 279 38.46 -1.85 -1.19
N PHE A 280 39.01 -1.40 -0.08
CA PHE A 280 39.08 0.03 0.22
C PHE A 280 40.35 0.62 -0.40
N PRO A 281 40.38 1.94 -0.59
CA PRO A 281 41.54 2.60 -1.16
C PRO A 281 42.78 2.16 -0.38
N ALA A 282 43.95 2.21 -1.03
CA ALA A 282 45.18 1.81 -0.35
C ALA A 282 45.34 2.67 0.87
N ASP A 283 45.82 2.08 1.94
CA ASP A 283 46.02 2.82 3.20
C ASP A 283 47.40 3.47 3.22
N SER A 284 47.47 4.61 3.91
CA SER A 284 48.74 5.34 4.05
C SER A 284 48.99 5.30 5.56
N GLU A 285 49.80 6.21 6.08
CA GLU A 285 50.04 6.20 7.52
C GLU A 285 49.09 7.11 8.27
N HIS A 286 48.14 7.74 7.56
CA HIS A 286 47.18 8.67 8.20
C HIS A 286 46.13 7.99 9.05
N ASN A 287 45.62 8.72 10.04
CA ASN A 287 44.65 8.15 10.93
C ASN A 287 43.18 8.40 10.59
N LYS A 288 42.92 9.40 9.75
CA LYS A 288 41.58 9.72 9.33
C LYS A 288 41.26 8.87 8.12
N LEU A 289 41.88 9.23 7.01
CA LEU A 289 41.71 8.54 5.74
C LEU A 289 42.33 7.15 5.81
N LYS A 290 41.67 6.27 6.54
CA LYS A 290 42.08 4.87 6.76
C LYS A 290 40.86 4.00 6.45
N ALA A 291 41.05 2.85 5.82
CA ALA A 291 39.91 1.99 5.48
C ALA A 291 39.00 1.68 6.67
N SER A 292 39.56 1.60 7.87
CA SER A 292 38.77 1.28 9.06
C SER A 292 37.85 2.40 9.47
N GLN A 293 38.25 3.63 9.20
CA GLN A 293 37.41 4.79 9.51
C GLN A 293 36.28 4.83 8.50
N ALA A 294 36.60 4.45 7.27
CA ALA A 294 35.61 4.44 6.23
C ALA A 294 34.60 3.33 6.52
N ARG A 295 35.10 2.16 6.92
CA ARG A 295 34.22 1.04 7.21
C ARG A 295 33.37 1.38 8.42
N ASP A 296 33.92 2.15 9.34
CA ASP A 296 33.16 2.52 10.51
C ASP A 296 31.97 3.40 10.11
N LEU A 297 32.19 4.30 9.15
CA LEU A 297 31.13 5.18 8.68
C LEU A 297 30.06 4.35 8.00
N LEU A 298 30.48 3.38 7.20
CA LEU A 298 29.53 2.51 6.53
C LEU A 298 28.68 1.80 7.57
N SER A 299 29.32 1.24 8.59
CA SER A 299 28.61 0.52 9.62
C SER A 299 27.62 1.40 10.37
N LYS A 300 27.72 2.71 10.21
CA LYS A 300 26.77 3.59 10.87
C LYS A 300 25.64 4.06 9.96
N MET A 301 25.76 3.77 8.68
CA MET A 301 24.73 4.14 7.71
C MET A 301 23.92 2.90 7.37
N LEU A 302 24.60 1.79 7.12
CA LEU A 302 23.93 0.56 6.79
C LEU A 302 23.33 -0.06 8.03
N VAL A 303 22.52 0.72 8.72
CA VAL A 303 21.83 0.27 9.92
C VAL A 303 20.33 0.27 9.63
N ILE A 304 19.73 -0.92 9.73
CA ILE A 304 18.31 -1.13 9.46
C ILE A 304 17.38 -0.25 10.24
N ASP A 305 17.38 -0.39 11.55
CA ASP A 305 16.50 0.44 12.38
C ASP A 305 17.02 1.86 12.19
N ALA A 306 16.19 2.70 11.56
CA ALA A 306 16.54 4.08 11.27
C ALA A 306 16.67 4.98 12.50
N SER A 307 16.33 4.49 13.66
CA SER A 307 16.46 5.33 14.85
C SER A 307 17.83 5.11 15.46
N LYS A 308 18.64 4.27 14.83
CA LYS A 308 19.95 4.01 15.35
C LYS A 308 20.93 4.31 14.25
N ARG A 309 20.40 4.78 13.14
CA ARG A 309 21.20 5.13 11.99
C ARG A 309 21.82 6.49 12.19
N ILE A 310 22.95 6.74 11.56
CA ILE A 310 23.63 8.03 11.65
C ILE A 310 22.84 9.13 10.90
N SER A 311 22.99 10.37 11.33
CA SER A 311 22.32 11.49 10.69
C SER A 311 23.33 12.17 9.78
N VAL A 312 22.87 13.11 8.95
CA VAL A 312 23.77 13.81 8.05
C VAL A 312 24.77 14.67 8.82
N ASP A 313 24.35 15.24 9.93
CA ASP A 313 25.28 16.06 10.71
C ASP A 313 26.38 15.21 11.36
N GLU A 314 26.02 14.04 11.91
CA GLU A 314 27.02 13.17 12.53
C GLU A 314 27.91 12.58 11.42
N ALA A 315 27.38 12.52 10.20
CA ALA A 315 28.14 11.99 9.08
C ALA A 315 29.18 12.98 8.57
N LEU A 316 28.92 14.27 8.73
CA LEU A 316 29.88 15.27 8.31
C LEU A 316 30.93 15.43 9.40
N GLN A 317 30.60 15.02 10.61
CA GLN A 317 31.54 15.09 11.74
C GLN A 317 32.49 13.90 11.80
N HIS A 318 32.16 12.83 11.09
CA HIS A 318 32.96 11.60 11.10
C HIS A 318 34.40 11.73 10.59
N PRO A 319 35.37 11.25 11.38
CA PRO A 319 36.79 11.32 11.02
C PRO A 319 37.11 11.14 9.54
N TYR A 320 36.47 10.18 8.88
CA TYR A 320 36.75 9.92 7.48
C TYR A 320 36.30 11.01 6.52
N ILE A 321 35.31 11.79 6.95
CA ILE A 321 34.74 12.84 6.11
C ILE A 321 35.17 14.23 6.58
N ASN A 322 35.31 14.33 7.89
CA ASN A 322 35.65 15.57 8.55
C ASN A 322 36.93 16.30 8.18
N VAL A 323 37.86 15.67 7.49
CA VAL A 323 39.08 16.41 7.15
C VAL A 323 38.81 17.56 6.19
N TRP A 324 37.65 17.57 5.57
CA TRP A 324 37.34 18.64 4.63
C TRP A 324 36.32 19.61 5.14
N TYR A 325 35.81 19.40 6.35
CA TYR A 325 34.76 20.24 6.91
C TYR A 325 34.99 21.73 6.80
N ASP A 326 34.02 22.43 6.22
CA ASP A 326 34.10 23.87 6.05
C ASP A 326 32.71 24.42 6.26
N PRO A 327 32.53 25.19 7.33
CA PRO A 327 31.25 25.80 7.69
C PRO A 327 30.44 26.37 6.53
N SER A 328 31.13 27.00 5.59
CA SER A 328 30.45 27.59 4.44
C SER A 328 29.68 26.58 3.59
N GLU A 329 30.17 25.34 3.52
CA GLU A 329 29.50 24.29 2.74
C GLU A 329 28.62 23.42 3.63
N ALA A 330 29.16 23.02 4.78
CA ALA A 330 28.41 22.17 5.67
C ALA A 330 27.35 22.85 6.53
N GLU A 331 27.35 24.18 6.61
CA GLU A 331 26.34 24.84 7.43
C GLU A 331 25.69 26.01 6.70
N ALA A 332 25.76 25.99 5.39
CA ALA A 332 25.17 27.05 4.60
C ALA A 332 23.78 27.40 5.10
N PRO A 333 23.42 28.69 5.07
CA PRO A 333 22.07 29.02 5.53
C PRO A 333 21.08 28.21 4.67
N PRO A 334 20.02 27.68 5.31
CA PRO A 334 18.99 26.87 4.67
C PRO A 334 18.22 27.51 3.56
N PRO A 335 17.84 26.69 2.57
CA PRO A 335 17.07 27.24 1.48
C PRO A 335 15.72 27.65 2.07
N LYS A 336 15.01 28.51 1.36
CA LYS A 336 13.71 28.98 1.79
C LYS A 336 12.78 28.81 0.62
N ILE A 337 11.64 28.19 0.88
CA ILE A 337 10.65 27.99 -0.17
C ILE A 337 9.43 28.86 0.09
N PRO A 338 8.93 29.52 -0.97
CA PRO A 338 7.76 30.41 -0.94
C PRO A 338 6.54 29.99 -0.09
N ASP A 339 6.19 28.69 -0.10
CA ASP A 339 5.02 28.10 0.64
C ASP A 339 4.27 27.19 -0.36
N LYS A 340 4.66 27.34 -1.64
CA LYS A 340 4.07 26.57 -2.73
C LYS A 340 4.23 25.08 -2.49
N GLN A 341 5.30 24.72 -1.77
CA GLN A 341 5.53 23.33 -1.45
C GLN A 341 4.70 23.01 -0.22
N LEU A 342 4.64 24.00 0.67
CA LEU A 342 3.85 23.89 1.91
C LEU A 342 2.40 23.60 1.48
N ASP A 343 2.17 23.77 0.16
CA ASP A 343 0.88 23.51 -0.52
C ASP A 343 0.93 22.01 -0.98
N GLU A 344 1.24 21.11 -0.02
CA GLU A 344 1.32 19.64 -0.27
C GLU A 344 -0.11 19.07 -0.43
N ARG A 345 -1.02 19.95 -0.80
CA ARG A 345 -2.43 19.63 -0.97
C ARG A 345 -2.66 18.99 -2.34
N GLU A 346 -3.76 18.26 -2.45
CA GLU A 346 -4.06 17.57 -3.71
C GLU A 346 -5.08 18.35 -4.52
N HIS A 347 -4.65 18.89 -5.67
CA HIS A 347 -5.51 19.63 -6.58
C HIS A 347 -5.77 18.71 -7.78
N THR A 348 -6.73 19.08 -8.63
CA THR A 348 -7.06 18.27 -9.80
C THR A 348 -6.07 18.48 -10.96
N ILE A 349 -6.01 17.48 -11.84
CA ILE A 349 -5.14 17.53 -13.01
C ILE A 349 -5.16 18.93 -13.63
N GLU A 350 -6.35 19.51 -13.78
CA GLU A 350 -6.48 20.85 -14.34
C GLU A 350 -5.76 21.88 -13.45
N GLU A 351 -6.25 22.04 -12.23
CA GLU A 351 -5.64 22.97 -11.31
C GLU A 351 -4.10 22.84 -11.31
N TRP A 352 -3.59 21.64 -11.60
CA TRP A 352 -2.14 21.42 -11.65
C TRP A 352 -1.58 22.10 -12.87
N LYS A 353 -2.23 21.86 -13.99
CA LYS A 353 -1.85 22.46 -15.26
C LYS A 353 -1.70 23.97 -14.99
N GLU A 354 -2.58 24.49 -14.13
CA GLU A 354 -2.60 25.89 -13.72
C GLU A 354 -1.32 26.33 -13.01
N LEU A 355 -1.01 25.67 -11.89
CA LEU A 355 0.18 25.99 -11.13
C LEU A 355 1.45 25.84 -11.93
N ILE A 356 1.51 24.75 -12.71
CA ILE A 356 2.68 24.48 -13.53
C ILE A 356 2.89 25.58 -14.56
N TYR A 357 1.86 25.87 -15.36
CA TYR A 357 1.98 26.90 -16.39
C TYR A 357 2.49 28.18 -15.77
N LYS A 358 1.90 28.56 -14.64
CA LYS A 358 2.36 29.76 -13.96
C LYS A 358 3.85 29.58 -13.78
N GLU A 359 4.23 28.77 -12.80
CA GLU A 359 5.62 28.50 -12.49
C GLU A 359 6.49 28.65 -13.75
N VAL A 360 6.26 27.82 -14.76
CA VAL A 360 7.04 27.93 -15.99
C VAL A 360 7.12 29.37 -16.52
N MET A 361 5.97 30.03 -16.69
CA MET A 361 5.96 31.40 -17.18
C MET A 361 6.88 32.27 -16.31
N ASP A 362 6.43 32.59 -15.10
CA ASP A 362 7.21 33.45 -14.21
C ASP A 362 8.55 32.86 -13.74
N LEU A 363 9.14 31.97 -14.54
CA LEU A 363 10.41 31.32 -14.23
C LEU A 363 11.28 31.36 -15.48
N GLU A 364 10.63 31.58 -16.61
CA GLU A 364 11.31 31.68 -17.91
C GLU A 364 12.15 32.95 -17.90
N PRO B 1 46.20 18.20 4.42
CA PRO B 1 45.44 17.36 3.42
C PRO B 1 44.70 18.30 2.45
N LYS B 2 45.22 18.51 1.23
CA LYS B 2 44.51 19.40 0.30
C LYS B 2 43.48 18.75 -0.61
N ARG B 3 42.37 19.46 -0.85
CA ARG B 3 41.28 18.97 -1.70
C ARG B 3 41.80 18.60 -3.06
N PRO B 4 41.38 17.44 -3.58
CA PRO B 4 41.82 16.99 -4.91
C PRO B 4 41.22 17.90 -5.98
N THR B 5 41.95 18.09 -7.08
CA THR B 5 41.49 18.96 -8.13
C THR B 5 41.39 18.28 -9.47
N THR B 6 41.47 16.95 -9.48
CA THR B 6 41.39 16.20 -10.72
C THR B 6 40.76 14.82 -10.47
N LEU B 7 40.02 14.32 -11.44
CA LEU B 7 39.38 13.01 -11.35
C LEU B 7 39.37 12.41 -12.75
N ASN B 8 40.17 11.36 -12.97
CA ASN B 8 40.23 10.72 -14.29
C ASN B 8 39.01 9.87 -14.56
N LEU B 9 38.04 10.45 -15.24
CA LEU B 9 36.81 9.76 -15.53
C LEU B 9 36.92 9.03 -16.85
N PHE B 10 38.14 8.87 -17.36
CA PHE B 10 38.26 8.28 -18.68
C PHE B 10 39.11 7.03 -18.86
N ASP C 7 -30.14 7.99 39.55
CA ASP C 7 -30.21 6.92 38.48
C ASP C 7 -31.10 7.33 37.29
N ASN C 8 -30.53 7.34 36.07
CA ASN C 8 -31.28 7.75 34.87
C ASN C 8 -31.65 6.60 33.90
N ASN C 9 -31.44 6.80 32.60
CA ASN C 9 -31.81 5.77 31.63
C ASN C 9 -30.77 4.68 31.28
N PHE C 10 -29.56 4.81 31.82
CA PHE C 10 -28.53 3.83 31.50
C PHE C 10 -27.90 3.25 32.76
N TYR C 11 -27.27 2.10 32.58
CA TYR C 11 -26.56 1.43 33.65
C TYR C 11 -25.43 0.82 32.85
N SER C 12 -24.47 0.18 33.50
CA SER C 12 -23.38 -0.39 32.72
C SER C 12 -22.70 -1.58 33.37
N VAL C 13 -22.43 -2.59 32.54
CA VAL C 13 -21.79 -3.82 32.99
C VAL C 13 -20.39 -4.01 32.46
N GLU C 14 -19.65 -4.92 33.11
CA GLU C 14 -18.27 -5.21 32.75
C GLU C 14 -18.22 -6.39 31.77
N ILE C 15 -18.17 -6.05 30.49
CA ILE C 15 -18.09 -7.06 29.43
C ILE C 15 -16.61 -7.35 29.17
N GLY C 16 -16.03 -8.20 30.01
CA GLY C 16 -14.65 -8.57 29.87
C GLY C 16 -13.76 -7.43 30.31
N ASP C 17 -12.96 -6.92 29.37
CA ASP C 17 -12.04 -5.80 29.61
C ASP C 17 -12.71 -4.46 29.35
N SER C 18 -13.72 -4.49 28.49
CA SER C 18 -14.49 -3.32 28.06
C SER C 18 -15.58 -2.93 29.04
N THR C 19 -16.23 -1.78 28.77
CA THR C 19 -17.33 -1.30 29.62
C THR C 19 -18.61 -0.87 28.88
N PHE C 20 -19.58 -1.77 28.72
CA PHE C 20 -20.85 -1.40 28.06
C PHE C 20 -21.74 -0.60 29.00
N THR C 21 -22.26 0.53 28.52
CA THR C 21 -23.15 1.34 29.33
C THR C 21 -24.35 1.44 28.41
N VAL C 22 -25.45 0.81 28.81
CA VAL C 22 -26.63 0.76 27.96
C VAL C 22 -27.99 1.08 28.56
N LEU C 23 -28.97 1.24 27.69
CA LEU C 23 -30.34 1.53 28.12
C LEU C 23 -30.83 0.49 29.11
N LYS C 24 -31.64 0.92 30.08
CA LYS C 24 -32.14 -0.02 31.09
C LYS C 24 -32.99 -1.17 30.55
N ARG C 25 -33.53 -1.01 29.35
CA ARG C 25 -34.35 -2.08 28.78
C ARG C 25 -33.52 -3.34 28.43
N TYR C 26 -32.20 -3.22 28.50
CA TYR C 26 -31.35 -4.36 28.16
C TYR C 26 -30.63 -4.89 29.39
N GLN C 27 -30.75 -6.19 29.63
CA GLN C 27 -30.08 -6.79 30.79
C GLN C 27 -29.41 -8.09 30.42
N ASN C 28 -28.67 -8.63 31.39
CA ASN C 28 -27.95 -9.88 31.23
C ASN C 28 -26.62 -9.65 30.51
N LEU C 29 -26.65 -9.04 29.35
CA LEU C 29 -25.40 -8.77 28.61
C LEU C 29 -24.58 -10.00 28.21
N LYS C 30 -23.79 -10.55 29.13
CA LYS C 30 -22.99 -11.75 28.81
C LYS C 30 -22.28 -11.72 27.41
N PRO C 31 -20.96 -11.51 27.38
CA PRO C 31 -20.23 -11.47 26.10
C PRO C 31 -20.44 -12.70 25.20
N ILE C 32 -20.69 -12.46 23.93
CA ILE C 32 -20.87 -13.56 22.98
C ILE C 32 -20.01 -13.44 21.75
N GLY C 33 -18.85 -12.81 21.88
CA GLY C 33 -18.01 -12.67 20.71
C GLY C 33 -17.42 -11.28 20.58
N SER C 34 -16.17 -11.27 20.17
CA SER C 34 -15.40 -10.04 20.01
C SER C 34 -14.67 -10.14 18.68
N GLY C 35 -14.76 -9.07 17.89
CA GLY C 35 -14.10 -9.02 16.60
C GLY C 35 -13.42 -7.68 16.45
N ALA C 36 -12.69 -7.52 15.35
CA ALA C 36 -11.99 -6.26 15.08
C ALA C 36 -12.98 -5.11 14.90
N GLN C 37 -14.18 -5.43 14.44
CA GLN C 37 -15.14 -4.37 14.24
C GLN C 37 -16.17 -4.22 15.34
N GLY C 38 -15.75 -4.47 16.59
CA GLY C 38 -16.65 -4.33 17.73
C GLY C 38 -16.73 -5.49 18.71
N ILE C 39 -17.31 -5.22 19.88
CA ILE C 39 -17.53 -6.23 20.93
C ILE C 39 -19.04 -6.50 20.96
N VAL C 40 -19.43 -7.77 21.08
CA VAL C 40 -20.85 -8.11 21.06
C VAL C 40 -21.31 -8.93 22.26
N CYS C 41 -22.56 -8.71 22.65
CA CYS C 41 -23.19 -9.38 23.79
C CYS C 41 -24.58 -9.84 23.38
N ALA C 42 -25.11 -10.79 24.14
CA ALA C 42 -26.50 -11.24 23.94
C ALA C 42 -27.21 -10.55 25.10
N ALA C 43 -28.48 -10.25 24.95
CA ALA C 43 -29.13 -9.60 26.06
C ALA C 43 -30.61 -9.79 25.94
N TYR C 44 -31.31 -9.56 27.04
CA TYR C 44 -32.75 -9.69 27.01
C TYR C 44 -33.33 -8.29 26.98
N ASP C 45 -34.26 -8.08 26.07
CA ASP C 45 -34.89 -6.78 25.94
C ASP C 45 -36.18 -6.78 26.72
N ALA C 46 -36.16 -6.12 27.89
CA ALA C 46 -37.32 -6.02 28.75
C ALA C 46 -38.56 -5.60 27.96
N ILE C 47 -38.40 -4.57 27.14
CA ILE C 47 -39.49 -4.04 26.30
C ILE C 47 -39.96 -5.01 25.21
N LEU C 48 -39.19 -5.19 24.14
CA LEU C 48 -39.55 -6.13 23.07
C LEU C 48 -39.90 -7.52 23.61
N GLU C 49 -39.24 -7.86 24.72
CA GLU C 49 -39.40 -9.14 25.40
C GLU C 49 -38.85 -10.33 24.62
N ARG C 50 -37.60 -10.19 24.17
CA ARG C 50 -36.95 -11.26 23.45
C ARG C 50 -35.46 -11.04 23.54
N ASN C 51 -34.68 -12.05 23.20
CA ASN C 51 -33.23 -11.93 23.26
C ASN C 51 -32.69 -11.23 22.02
N VAL C 52 -31.73 -10.36 22.26
CA VAL C 52 -31.14 -9.57 21.18
C VAL C 52 -29.63 -9.47 21.31
N ALA C 53 -28.99 -8.99 20.24
CA ALA C 53 -27.55 -8.82 20.23
C ALA C 53 -27.23 -7.34 20.34
N ILE C 54 -26.16 -7.01 21.06
CA ILE C 54 -25.73 -5.63 21.20
C ILE C 54 -24.24 -5.55 20.88
N LYS C 55 -23.95 -4.81 19.82
CA LYS C 55 -22.57 -4.61 19.34
C LYS C 55 -22.09 -3.21 19.66
N LYS C 56 -21.06 -3.12 20.49
CA LYS C 56 -20.47 -1.82 20.82
C LYS C 56 -19.33 -1.54 19.83
N LEU C 57 -19.57 -0.66 18.86
CA LEU C 57 -18.56 -0.31 17.87
C LEU C 57 -17.23 -0.01 18.55
N SER C 58 -16.14 -0.53 18.01
CA SER C 58 -14.81 -0.30 18.58
C SER C 58 -14.17 0.97 18.00
N ARG C 59 -14.06 1.98 18.84
CA ARG C 59 -13.50 3.30 18.53
C ARG C 59 -13.91 3.87 17.20
N PRO C 60 -15.21 4.16 17.03
CA PRO C 60 -15.76 4.72 15.81
C PRO C 60 -14.93 5.89 15.28
N PHE C 61 -14.28 6.62 16.18
CA PHE C 61 -13.52 7.78 15.75
C PHE C 61 -11.99 7.84 15.93
N GLN C 62 -11.36 6.71 16.21
CA GLN C 62 -9.91 6.72 16.35
C GLN C 62 -9.25 7.39 15.14
N ASN C 63 -9.91 7.28 13.98
CA ASN C 63 -9.39 7.86 12.76
C ASN C 63 -10.43 7.84 11.64
N GLN C 64 -10.12 8.46 10.53
CA GLN C 64 -11.05 8.51 9.42
C GLN C 64 -11.54 7.13 8.94
N THR C 65 -10.65 6.14 8.90
CA THR C 65 -11.05 4.82 8.42
C THR C 65 -12.10 4.20 9.33
N HIS C 66 -11.86 4.25 10.64
CA HIS C 66 -12.86 3.70 11.54
C HIS C 66 -14.13 4.47 11.25
N ALA C 67 -14.12 5.77 11.59
CA ALA C 67 -15.26 6.66 11.35
C ALA C 67 -16.07 6.34 10.10
N LYS C 68 -15.45 6.27 8.92
CA LYS C 68 -16.25 5.99 7.73
C LYS C 68 -16.87 4.59 7.71
N ARG C 69 -16.18 3.60 8.26
CA ARG C 69 -16.74 2.27 8.28
C ARG C 69 -17.86 2.16 9.33
N ALA C 70 -17.80 2.99 10.36
CA ALA C 70 -18.86 2.98 11.35
C ALA C 70 -20.05 3.58 10.63
N TYR C 71 -19.81 4.70 9.94
CA TYR C 71 -20.87 5.38 9.21
C TYR C 71 -21.56 4.43 8.22
N ARG C 72 -20.76 3.76 7.41
CA ARG C 72 -21.27 2.83 6.41
C ARG C 72 -22.15 1.73 6.99
N GLU C 73 -21.71 1.19 8.13
CA GLU C 73 -22.39 0.13 8.86
C GLU C 73 -23.81 0.54 9.27
N LEU C 74 -23.97 1.75 9.81
CA LEU C 74 -25.29 2.23 10.20
C LEU C 74 -26.15 2.34 8.94
N VAL C 75 -25.71 3.17 8.01
CA VAL C 75 -26.47 3.38 6.79
C VAL C 75 -26.91 2.09 6.13
N LEU C 76 -26.01 1.13 6.10
CA LEU C 76 -26.37 -0.13 5.49
C LEU C 76 -27.31 -0.91 6.38
N MET C 77 -27.01 -0.96 7.68
CA MET C 77 -27.86 -1.68 8.62
C MET C 77 -29.30 -1.18 8.55
N LYS C 78 -29.47 0.13 8.52
CA LYS C 78 -30.81 0.73 8.46
C LYS C 78 -31.52 0.63 7.11
N CYS C 79 -30.78 0.45 6.02
CA CYS C 79 -31.43 0.40 4.72
C CYS C 79 -31.63 -0.96 4.07
N VAL C 80 -30.78 -1.93 4.41
CA VAL C 80 -30.88 -3.23 3.78
C VAL C 80 -31.82 -4.17 4.47
N ASN C 81 -32.94 -4.50 3.81
CA ASN C 81 -33.92 -5.42 4.40
C ASN C 81 -34.18 -6.67 3.58
N HIS C 82 -33.71 -7.79 4.10
CA HIS C 82 -33.84 -9.07 3.42
C HIS C 82 -33.80 -10.17 4.47
N LYS C 83 -34.49 -11.27 4.18
CA LYS C 83 -34.58 -12.38 5.10
C LYS C 83 -33.21 -13.02 5.36
N ASN C 84 -32.24 -12.73 4.49
CA ASN C 84 -30.91 -13.29 4.62
C ASN C 84 -29.89 -12.23 5.04
N ILE C 85 -30.36 -11.07 5.45
CA ILE C 85 -29.47 -10.02 5.92
C ILE C 85 -29.91 -9.76 7.35
N ILE C 86 -28.96 -9.67 8.27
CA ILE C 86 -29.29 -9.47 9.68
C ILE C 86 -30.15 -8.23 9.92
N GLY C 87 -31.22 -8.43 10.71
CA GLY C 87 -32.14 -7.36 11.03
C GLY C 87 -31.68 -6.41 12.13
N LEU C 88 -31.91 -5.12 11.89
CA LEU C 88 -31.55 -4.06 12.84
C LEU C 88 -32.71 -3.77 13.79
N LEU C 89 -32.44 -3.75 15.08
CA LEU C 89 -33.50 -3.49 16.01
C LEU C 89 -33.52 -2.06 16.50
N ASN C 90 -32.43 -1.65 17.13
CA ASN C 90 -32.33 -0.32 17.68
C ASN C 90 -30.87 0.08 17.59
N VAL C 91 -30.60 1.36 17.82
CA VAL C 91 -29.25 1.88 17.83
C VAL C 91 -29.32 3.01 18.84
N PHE C 92 -28.26 3.25 19.60
CA PHE C 92 -28.30 4.30 20.61
C PHE C 92 -26.93 4.69 21.10
N THR C 93 -26.87 5.79 21.86
CA THR C 93 -25.61 6.24 22.45
C THR C 93 -25.83 6.74 23.86
N PRO C 94 -24.89 6.44 24.77
CA PRO C 94 -24.98 6.87 26.16
C PRO C 94 -24.45 8.29 26.39
N GLN C 95 -24.17 9.03 25.32
CA GLN C 95 -23.71 10.41 25.46
C GLN C 95 -24.83 11.42 25.22
N LYS C 96 -24.84 12.45 26.06
CA LYS C 96 -25.87 13.48 25.99
C LYS C 96 -25.78 14.40 24.77
N SER C 97 -24.58 14.59 24.22
CA SER C 97 -24.47 15.53 23.11
C SER C 97 -23.29 15.37 22.18
N LEU C 98 -23.42 15.94 20.98
CA LEU C 98 -22.38 15.86 19.96
C LEU C 98 -20.99 16.16 20.53
N GLU C 99 -20.90 16.96 21.59
CA GLU C 99 -19.59 17.23 22.15
C GLU C 99 -19.12 15.92 22.79
N GLU C 100 -19.86 15.52 23.82
CA GLU C 100 -19.59 14.31 24.61
C GLU C 100 -19.57 12.99 23.80
N PHE C 101 -20.19 12.98 22.61
CA PHE C 101 -20.22 11.78 21.78
C PHE C 101 -18.92 10.96 21.82
N GLN C 102 -19.05 9.65 22.00
CA GLN C 102 -17.87 8.77 22.10
C GLN C 102 -18.09 7.30 21.73
N ASP C 103 -19.30 6.78 22.02
CA ASP C 103 -19.64 5.38 21.76
C ASP C 103 -20.94 5.20 21.02
N VAL C 104 -20.99 4.16 20.19
CA VAL C 104 -22.17 3.83 19.38
C VAL C 104 -22.56 2.36 19.52
N TYR C 105 -23.78 2.11 19.96
CA TYR C 105 -24.24 0.75 20.13
C TYR C 105 -25.31 0.36 19.11
N ILE C 106 -25.16 -0.82 18.53
CA ILE C 106 -26.17 -1.29 17.60
C ILE C 106 -26.83 -2.51 18.24
N VAL C 107 -28.15 -2.60 18.08
CA VAL C 107 -28.90 -3.71 18.63
C VAL C 107 -29.48 -4.42 17.43
N MET C 108 -29.29 -5.73 17.37
CA MET C 108 -29.81 -6.51 16.24
C MET C 108 -30.30 -7.81 16.74
N GLU C 109 -31.01 -8.50 15.86
CA GLU C 109 -31.57 -9.79 16.20
C GLU C 109 -30.49 -10.80 16.59
N LEU C 110 -30.82 -11.65 17.56
CA LEU C 110 -29.88 -12.68 18.01
C LEU C 110 -30.15 -13.93 17.20
N MET C 111 -29.10 -14.69 16.93
CA MET C 111 -29.24 -15.92 16.17
C MET C 111 -28.68 -17.03 17.01
N ASP C 112 -28.53 -18.23 16.44
CA ASP C 112 -28.02 -19.34 17.25
C ASP C 112 -26.52 -19.60 17.14
N ALA C 113 -25.93 -19.42 15.96
CA ALA C 113 -24.50 -19.66 15.83
C ALA C 113 -23.87 -19.19 14.54
N ASN C 114 -22.54 -19.19 14.53
CA ASN C 114 -21.70 -18.81 13.39
C ASN C 114 -21.70 -20.01 12.47
N LEU C 115 -21.15 -19.80 11.28
CA LEU C 115 -21.00 -20.86 10.31
C LEU C 115 -19.81 -21.72 10.77
N CYS C 116 -19.02 -21.23 11.73
CA CYS C 116 -17.92 -22.03 12.25
C CYS C 116 -18.47 -23.30 12.88
N GLN C 117 -19.67 -23.19 13.41
CA GLN C 117 -20.34 -24.29 14.06
C GLN C 117 -20.80 -25.28 13.01
N VAL C 118 -21.31 -24.76 11.89
CA VAL C 118 -21.75 -25.65 10.84
C VAL C 118 -20.54 -26.35 10.24
N ILE C 119 -19.38 -25.71 10.25
CA ILE C 119 -18.20 -26.34 9.70
C ILE C 119 -17.77 -27.52 10.57
N GLN C 120 -18.22 -27.52 11.82
CA GLN C 120 -17.90 -28.60 12.74
C GLN C 120 -18.92 -29.72 12.72
N MET C 121 -19.90 -29.64 11.83
CA MET C 121 -20.87 -30.71 11.71
C MET C 121 -20.91 -31.32 10.30
N GLU C 122 -21.70 -32.38 10.14
CA GLU C 122 -21.83 -33.06 8.87
C GLU C 122 -23.17 -32.72 8.26
N LEU C 123 -23.16 -32.21 7.05
CA LEU C 123 -24.40 -31.86 6.39
C LEU C 123 -24.77 -32.87 5.31
N ASP C 124 -26.06 -32.95 5.02
CA ASP C 124 -26.55 -33.80 3.95
C ASP C 124 -26.70 -32.77 2.85
N HIS C 125 -26.66 -33.20 1.58
CA HIS C 125 -26.75 -32.26 0.48
C HIS C 125 -27.86 -31.23 0.64
N GLU C 126 -29.00 -31.67 1.17
CA GLU C 126 -30.12 -30.77 1.34
C GLU C 126 -29.79 -29.54 2.18
N ARG C 127 -29.34 -29.74 3.40
CA ARG C 127 -29.01 -28.61 4.24
C ARG C 127 -27.84 -27.83 3.69
N MET C 128 -26.86 -28.53 3.12
CA MET C 128 -25.73 -27.82 2.60
C MET C 128 -26.15 -26.89 1.47
N SER C 129 -26.89 -27.45 0.54
CA SER C 129 -27.36 -26.68 -0.60
C SER C 129 -28.22 -25.50 -0.14
N TYR C 130 -29.21 -25.78 0.69
CA TYR C 130 -30.09 -24.72 1.16
C TYR C 130 -29.28 -23.65 1.90
N LEU C 131 -28.33 -24.06 2.74
CA LEU C 131 -27.53 -23.07 3.45
C LEU C 131 -26.78 -22.18 2.47
N LEU C 132 -26.19 -22.77 1.43
CA LEU C 132 -25.46 -22.03 0.41
C LEU C 132 -26.37 -21.06 -0.36
N TYR C 133 -27.57 -21.50 -0.66
CA TYR C 133 -28.54 -20.71 -1.41
C TYR C 133 -29.01 -19.50 -0.63
N GLN C 134 -29.13 -19.64 0.69
CA GLN C 134 -29.60 -18.50 1.45
C GLN C 134 -28.51 -17.46 1.48
N MET C 135 -27.28 -17.91 1.73
CA MET C 135 -26.12 -17.05 1.76
C MET C 135 -26.06 -16.23 0.45
N LEU C 136 -26.17 -16.92 -0.68
CA LEU C 136 -26.16 -16.30 -1.99
C LEU C 136 -27.26 -15.23 -2.14
N CYS C 137 -28.46 -15.55 -1.68
CA CYS C 137 -29.56 -14.59 -1.75
C CYS C 137 -29.25 -13.27 -1.04
N GLY C 138 -28.64 -13.36 0.13
CA GLY C 138 -28.30 -12.16 0.87
C GLY C 138 -27.18 -11.39 0.21
N ILE C 139 -26.29 -12.10 -0.48
CA ILE C 139 -25.20 -11.45 -1.15
C ILE C 139 -25.75 -10.79 -2.40
N LYS C 140 -26.64 -11.49 -3.10
CA LYS C 140 -27.27 -10.99 -4.31
C LYS C 140 -28.12 -9.71 -4.04
N HIS C 141 -28.71 -9.66 -2.86
CA HIS C 141 -29.54 -8.53 -2.47
C HIS C 141 -28.65 -7.31 -2.34
N LEU C 142 -27.47 -7.51 -1.81
CA LEU C 142 -26.52 -6.43 -1.64
C LEU C 142 -25.95 -6.00 -3.00
N HIS C 143 -25.49 -6.97 -3.78
CA HIS C 143 -24.95 -6.66 -5.09
C HIS C 143 -25.98 -5.92 -5.94
N SER C 144 -27.25 -6.23 -5.71
CA SER C 144 -28.35 -5.62 -6.48
C SER C 144 -28.50 -4.11 -6.24
N ALA C 145 -27.61 -3.54 -5.43
CA ALA C 145 -27.62 -2.10 -5.17
C ALA C 145 -26.20 -1.66 -5.44
N GLY C 146 -25.39 -2.60 -5.93
CA GLY C 146 -23.99 -2.34 -6.22
C GLY C 146 -23.08 -2.46 -5.01
N ILE C 147 -23.59 -3.05 -3.92
CA ILE C 147 -22.81 -3.22 -2.70
C ILE C 147 -22.05 -4.53 -2.66
N ILE C 148 -20.76 -4.45 -2.31
CA ILE C 148 -19.93 -5.62 -2.23
C ILE C 148 -19.60 -5.74 -0.75
N HIS C 149 -19.78 -6.94 -0.22
CA HIS C 149 -19.57 -7.19 1.18
C HIS C 149 -18.14 -7.08 1.68
N ARG C 150 -17.21 -7.70 0.96
CA ARG C 150 -15.79 -7.67 1.28
C ARG C 150 -15.24 -8.34 2.56
N ASP C 151 -16.10 -8.83 3.44
CA ASP C 151 -15.57 -9.45 4.64
C ASP C 151 -16.30 -10.74 4.98
N LEU C 152 -16.73 -11.48 3.94
CA LEU C 152 -17.45 -12.74 4.13
C LEU C 152 -16.54 -13.83 4.68
N LYS C 153 -16.99 -14.46 5.75
CA LYS C 153 -16.23 -15.51 6.40
C LYS C 153 -17.18 -16.18 7.39
N PRO C 154 -16.92 -17.43 7.74
CA PRO C 154 -17.77 -18.18 8.67
C PRO C 154 -18.36 -17.40 9.84
N SER C 155 -17.54 -16.62 10.54
CA SER C 155 -18.08 -15.89 11.70
C SER C 155 -19.02 -14.72 11.37
N ASN C 156 -19.06 -14.30 10.10
CA ASN C 156 -19.96 -13.22 9.69
C ASN C 156 -21.29 -13.76 9.20
N ILE C 157 -21.42 -15.08 9.24
CA ILE C 157 -22.64 -15.71 8.80
C ILE C 157 -23.27 -16.34 10.03
N VAL C 158 -24.54 -16.05 10.26
CA VAL C 158 -25.21 -16.61 11.41
C VAL C 158 -26.38 -17.50 11.01
N VAL C 159 -26.59 -18.56 11.78
CA VAL C 159 -27.67 -19.49 11.49
C VAL C 159 -28.56 -19.61 12.71
N LYS C 160 -29.70 -20.28 12.50
CA LYS C 160 -30.70 -20.47 13.54
C LYS C 160 -31.08 -21.95 13.44
N SER C 161 -31.74 -22.49 14.46
CA SER C 161 -32.09 -23.91 14.43
C SER C 161 -33.09 -24.32 13.39
N ASP C 162 -33.89 -23.37 12.89
CA ASP C 162 -34.85 -23.69 11.83
C ASP C 162 -34.10 -23.76 10.50
N CYS C 163 -32.77 -23.79 10.58
CA CYS C 163 -31.89 -23.88 9.43
C CYS C 163 -31.90 -22.68 8.50
N THR C 164 -32.17 -21.49 9.05
CA THR C 164 -32.15 -20.28 8.24
C THR C 164 -30.80 -19.58 8.50
N LEU C 165 -30.36 -18.77 7.54
CA LEU C 165 -29.07 -18.11 7.66
C LEU C 165 -29.08 -16.63 7.26
N LYS C 166 -28.28 -15.82 7.93
CA LYS C 166 -28.23 -14.41 7.60
C LYS C 166 -26.82 -13.87 7.52
N ILE C 167 -26.53 -13.02 6.54
CA ILE C 167 -25.19 -12.44 6.49
C ILE C 167 -25.19 -11.27 7.46
N LEU C 168 -24.04 -10.96 8.04
CA LEU C 168 -24.01 -9.84 8.96
C LEU C 168 -22.71 -9.05 8.81
N ASP C 169 -22.56 -7.96 9.59
CA ASP C 169 -21.36 -7.12 9.57
C ASP C 169 -21.01 -6.40 8.24
N PHE C 170 -21.48 -5.18 8.06
CA PHE C 170 -21.21 -4.44 6.83
C PHE C 170 -20.18 -3.32 6.91
N GLY C 171 -19.26 -3.39 7.86
CA GLY C 171 -18.25 -2.35 8.00
C GLY C 171 -17.41 -2.05 6.74
N LEU C 172 -17.19 -3.07 5.93
CA LEU C 172 -16.39 -2.90 4.73
C LEU C 172 -17.23 -2.86 3.46
N ALA C 173 -18.55 -2.87 3.61
CA ALA C 173 -19.40 -2.88 2.44
C ALA C 173 -19.34 -1.60 1.62
N ARG C 174 -19.07 -1.73 0.32
CA ARG C 174 -19.00 -0.57 -0.56
C ARG C 174 -19.06 -0.94 -2.03
N THR C 175 -19.16 0.07 -2.87
CA THR C 175 -19.21 -0.14 -4.30
C THR C 175 -17.85 -0.54 -4.85
N ALA C 176 -17.83 -1.04 -6.08
CA ALA C 176 -16.58 -1.47 -6.69
C ALA C 176 -15.56 -0.33 -6.82
N GLY C 177 -14.28 -0.69 -6.85
CA GLY C 177 -13.21 0.28 -6.98
C GLY C 177 -11.79 -0.25 -6.76
N THR C 178 -10.94 0.59 -6.17
CA THR C 178 -9.55 0.26 -5.86
C THR C 178 -9.53 -0.78 -4.75
N SER C 179 -8.52 -1.65 -4.71
CA SER C 179 -8.50 -2.61 -3.61
C SER C 179 -7.65 -2.02 -2.46
N PHE C 180 -6.90 -0.95 -2.75
CA PHE C 180 -6.09 -0.35 -1.71
C PHE C 180 -7.01 0.01 -0.55
N MET C 181 -6.85 -0.66 0.57
CA MET C 181 -7.70 -0.41 1.70
C MET C 181 -6.87 -0.23 2.95
N MET C 182 -7.30 0.73 3.77
CA MET C 182 -6.67 1.02 5.03
C MET C 182 -6.93 -0.20 5.94
N GLU C 183 -6.07 -0.37 6.95
CA GLU C 183 -6.12 -1.43 7.95
C GLU C 183 -6.60 -2.79 7.46
N PRO C 184 -5.93 -3.32 6.44
CA PRO C 184 -6.21 -4.60 5.80
C PRO C 184 -6.34 -5.75 6.80
N GLU C 185 -5.81 -5.54 8.01
CA GLU C 185 -5.85 -6.55 9.05
C GLU C 185 -7.26 -6.95 9.35
N VAL C 186 -8.16 -5.96 9.38
CA VAL C 186 -9.56 -6.21 9.69
C VAL C 186 -10.18 -7.36 8.88
N VAL C 187 -9.77 -7.51 7.63
CA VAL C 187 -10.33 -8.62 6.87
C VAL C 187 -9.52 -9.89 7.12
N THR C 188 -10.19 -11.02 7.33
CA THR C 188 -9.45 -12.25 7.60
C THR C 188 -8.75 -12.81 6.38
N ARG C 189 -7.46 -13.11 6.58
CA ARG C 189 -6.56 -13.63 5.57
C ARG C 189 -7.00 -14.83 4.72
N TYR C 190 -7.44 -15.91 5.36
CA TYR C 190 -7.83 -17.12 4.65
C TYR C 190 -8.93 -16.94 3.60
N TYR C 191 -9.68 -15.85 3.70
CA TYR C 191 -10.78 -15.66 2.75
C TYR C 191 -10.60 -14.52 1.77
N ARG C 192 -9.40 -13.94 1.75
CA ARG C 192 -9.04 -12.84 0.87
C ARG C 192 -8.93 -13.31 -0.56
N ALA C 193 -9.57 -12.59 -1.48
CA ALA C 193 -9.51 -12.95 -2.88
C ALA C 193 -8.22 -12.46 -3.53
N PRO C 194 -7.71 -13.21 -4.50
CA PRO C 194 -6.48 -12.83 -5.18
C PRO C 194 -6.39 -11.36 -5.64
N GLU C 195 -7.47 -10.86 -6.24
CA GLU C 195 -7.43 -9.48 -6.69
C GLU C 195 -7.24 -8.56 -5.48
N VAL C 196 -7.63 -9.02 -4.30
CA VAL C 196 -7.47 -8.21 -3.11
C VAL C 196 -6.05 -8.33 -2.58
N ILE C 197 -5.51 -9.55 -2.58
CA ILE C 197 -4.14 -9.80 -2.10
C ILE C 197 -3.11 -9.04 -2.91
N LEU C 198 -3.22 -9.14 -4.24
CA LEU C 198 -2.29 -8.50 -5.16
C LEU C 198 -2.67 -7.07 -5.57
N GLY C 199 -3.50 -6.41 -4.77
CA GLY C 199 -3.87 -5.04 -5.07
C GLY C 199 -4.36 -4.69 -6.46
N MET C 200 -5.16 -5.59 -7.05
CA MET C 200 -5.74 -5.34 -8.36
C MET C 200 -7.08 -4.69 -8.05
N GLY C 201 -7.91 -4.48 -9.06
CA GLY C 201 -9.21 -3.90 -8.74
C GLY C 201 -10.16 -5.04 -8.40
N TYR C 202 -11.30 -4.72 -7.79
CA TYR C 202 -12.24 -5.77 -7.46
C TYR C 202 -13.63 -5.39 -7.90
N LYS C 203 -14.37 -6.36 -8.42
CA LYS C 203 -15.75 -6.18 -8.85
C LYS C 203 -16.68 -6.93 -7.86
N GLU C 204 -17.97 -7.04 -8.18
CA GLU C 204 -18.92 -7.71 -7.29
C GLU C 204 -18.54 -9.15 -6.93
N ASN C 205 -18.00 -9.91 -7.88
CA ASN C 205 -17.67 -11.30 -7.61
C ASN C 205 -16.46 -11.55 -6.69
N VAL C 206 -15.99 -10.52 -6.00
CA VAL C 206 -14.89 -10.73 -5.08
C VAL C 206 -15.54 -11.50 -3.93
N ASP C 207 -16.82 -11.24 -3.68
CA ASP C 207 -17.51 -11.95 -2.61
C ASP C 207 -17.64 -13.42 -2.96
N ILE C 208 -17.75 -13.71 -4.25
CA ILE C 208 -17.92 -15.08 -4.70
C ILE C 208 -16.72 -15.98 -4.44
N TRP C 209 -15.52 -15.39 -4.39
CA TRP C 209 -14.34 -16.20 -4.10
C TRP C 209 -14.39 -16.58 -2.64
N SER C 210 -14.84 -15.65 -1.82
CA SER C 210 -14.95 -15.86 -0.39
C SER C 210 -15.91 -17.00 -0.15
N VAL C 211 -17.01 -17.03 -0.90
CA VAL C 211 -17.98 -18.08 -0.73
C VAL C 211 -17.33 -19.40 -1.07
N GLY C 212 -16.56 -19.42 -2.14
CA GLY C 212 -15.90 -20.67 -2.49
C GLY C 212 -15.04 -21.15 -1.33
N CYS C 213 -14.42 -20.23 -0.61
CA CYS C 213 -13.58 -20.58 0.53
C CYS C 213 -14.41 -21.18 1.63
N ILE C 214 -15.45 -20.47 2.02
CA ILE C 214 -16.33 -20.96 3.06
C ILE C 214 -16.88 -22.33 2.69
N MET C 215 -17.42 -22.45 1.48
CA MET C 215 -17.97 -23.72 1.04
C MET C 215 -16.95 -24.88 1.04
N GLY C 216 -15.73 -24.63 0.58
CA GLY C 216 -14.75 -25.69 0.57
C GLY C 216 -14.37 -26.06 1.99
N GLU C 217 -14.59 -25.15 2.94
CA GLU C 217 -14.28 -25.43 4.33
C GLU C 217 -15.40 -26.28 4.90
N MET C 218 -16.64 -26.00 4.51
CA MET C 218 -17.77 -26.77 4.99
C MET C 218 -17.56 -28.22 4.60
N VAL C 219 -17.04 -28.40 3.39
CA VAL C 219 -16.74 -29.71 2.84
C VAL C 219 -15.52 -30.40 3.45
N CYS C 220 -14.40 -29.70 3.55
CA CYS C 220 -13.19 -30.29 4.11
C CYS C 220 -13.11 -30.24 5.63
N HIS C 221 -13.76 -29.25 6.24
CA HIS C 221 -13.76 -29.10 7.70
C HIS C 221 -12.43 -28.55 8.20
N LYS C 222 -11.65 -28.06 7.26
CA LYS C 222 -10.35 -27.48 7.53
C LYS C 222 -10.17 -26.34 6.54
N ILE C 223 -9.55 -25.25 6.98
CA ILE C 223 -9.33 -24.07 6.15
C ILE C 223 -8.65 -24.40 4.81
N LEU C 224 -9.30 -23.97 3.74
CA LEU C 224 -8.85 -24.20 2.37
C LEU C 224 -7.41 -23.80 2.06
N PHE C 225 -7.09 -22.54 2.26
CA PHE C 225 -5.76 -22.05 1.99
C PHE C 225 -5.29 -21.52 3.31
N PRO C 226 -4.59 -22.33 4.13
CA PRO C 226 -4.15 -21.78 5.40
C PRO C 226 -3.30 -20.53 5.09
N GLY C 227 -1.99 -20.56 5.27
CA GLY C 227 -1.28 -19.33 4.93
C GLY C 227 -0.98 -18.56 6.19
N ARG C 228 0.30 -18.47 6.49
CA ARG C 228 0.80 -17.86 7.72
C ARG C 228 0.96 -16.38 7.78
N ASP C 229 0.86 -15.69 6.65
CA ASP C 229 0.95 -14.24 6.66
C ASP C 229 0.39 -13.70 5.38
N TYR C 230 0.21 -12.38 5.32
CA TYR C 230 -0.39 -11.75 4.15
C TYR C 230 0.17 -12.24 2.82
N ILE C 231 1.49 -12.34 2.73
CA ILE C 231 2.17 -12.75 1.51
C ILE C 231 2.10 -14.26 1.23
N ASP C 232 2.26 -15.07 2.27
CA ASP C 232 2.23 -16.52 2.13
C ASP C 232 0.83 -16.99 1.68
N GLN C 233 -0.18 -16.17 1.88
CA GLN C 233 -1.51 -16.50 1.46
C GLN C 233 -1.51 -16.73 -0.05
N TRP C 234 -0.67 -15.99 -0.77
CA TRP C 234 -0.60 -16.17 -2.20
C TRP C 234 0.10 -17.47 -2.52
N ASN C 235 1.03 -17.83 -1.67
CA ASN C 235 1.79 -19.08 -1.82
C ASN C 235 0.84 -20.26 -1.67
N LYS C 236 -0.06 -20.17 -0.71
CA LYS C 236 -0.97 -21.24 -0.49
C LYS C 236 -1.97 -21.35 -1.64
N VAL C 237 -2.46 -20.22 -2.12
CA VAL C 237 -3.40 -20.25 -3.20
C VAL C 237 -2.84 -20.87 -4.49
N ILE C 238 -1.67 -20.41 -4.94
CA ILE C 238 -1.11 -20.97 -6.16
C ILE C 238 -0.66 -22.41 -6.02
N GLU C 239 -0.32 -22.85 -4.81
CA GLU C 239 0.08 -24.24 -4.66
C GLU C 239 -1.15 -25.12 -4.85
N GLN C 240 -2.33 -24.66 -4.46
CA GLN C 240 -3.56 -25.46 -4.61
C GLN C 240 -4.16 -25.35 -5.98
N LEU C 241 -4.36 -24.13 -6.42
CA LEU C 241 -4.99 -23.90 -7.69
C LEU C 241 -4.05 -23.91 -8.87
N GLY C 242 -2.77 -23.62 -8.62
CA GLY C 242 -1.78 -23.59 -9.68
C GLY C 242 -1.39 -22.17 -10.06
N THR C 243 -0.24 -22.00 -10.69
CA THR C 243 0.23 -20.67 -11.11
C THR C 243 -0.65 -20.03 -12.20
N PRO C 244 -1.14 -18.80 -11.98
CA PRO C 244 -1.98 -18.15 -12.99
C PRO C 244 -1.22 -17.84 -14.28
N CYS C 245 -1.94 -17.84 -15.40
CA CYS C 245 -1.37 -17.56 -16.73
C CYS C 245 -0.85 -16.13 -16.86
N PRO C 246 -0.09 -15.85 -17.90
CA PRO C 246 0.45 -14.49 -18.11
C PRO C 246 -0.61 -13.43 -18.37
N ALA C 247 -1.69 -13.79 -19.06
CA ALA C 247 -2.76 -12.83 -19.34
C ALA C 247 -3.17 -12.16 -18.02
N PHE C 248 -3.07 -12.94 -16.94
CA PHE C 248 -3.41 -12.47 -15.59
C PHE C 248 -2.25 -11.62 -15.04
N MET C 249 -1.03 -12.10 -15.17
CA MET C 249 0.13 -11.39 -14.69
C MET C 249 0.24 -9.98 -15.21
N LYS C 250 -0.05 -9.80 -16.50
CA LYS C 250 0.07 -8.47 -17.10
C LYS C 250 -0.88 -7.45 -16.48
N LYS C 251 -1.90 -7.92 -15.78
CA LYS C 251 -2.85 -7.02 -15.16
C LYS C 251 -2.36 -6.47 -13.82
N LEU C 252 -1.31 -7.09 -13.28
CA LEU C 252 -0.78 -6.68 -11.99
C LEU C 252 0.03 -5.42 -12.05
N GLN C 253 0.23 -4.81 -10.89
CA GLN C 253 1.04 -3.62 -10.77
C GLN C 253 2.50 -4.03 -10.98
N PRO C 254 3.32 -3.16 -11.57
CA PRO C 254 4.74 -3.42 -11.84
C PRO C 254 5.51 -4.01 -10.65
N THR C 255 5.34 -3.44 -9.47
CA THR C 255 6.01 -3.95 -8.29
C THR C 255 5.62 -5.39 -7.99
N VAL C 256 4.31 -5.65 -7.97
CA VAL C 256 3.77 -6.96 -7.67
C VAL C 256 3.97 -8.02 -8.75
N ARG C 257 3.73 -7.67 -10.00
CA ARG C 257 3.87 -8.57 -11.14
C ARG C 257 5.22 -9.23 -11.09
N ASN C 258 6.19 -8.40 -10.82
CA ASN C 258 7.57 -8.80 -10.71
C ASN C 258 7.72 -9.93 -9.71
N TYR C 259 7.25 -9.70 -8.50
CA TYR C 259 7.32 -10.70 -7.44
C TYR C 259 6.60 -12.00 -7.78
N VAL C 260 5.38 -11.89 -8.28
CA VAL C 260 4.60 -13.06 -8.64
C VAL C 260 5.29 -13.93 -9.70
N GLU C 261 5.90 -13.32 -10.71
CA GLU C 261 6.56 -14.10 -11.74
C GLU C 261 7.82 -14.76 -11.25
N ASN C 262 8.31 -14.32 -10.10
CA ASN C 262 9.52 -14.89 -9.56
C ASN C 262 9.23 -16.09 -8.67
N ARG C 263 7.97 -16.35 -8.35
CA ARG C 263 7.61 -17.49 -7.52
C ARG C 263 7.88 -18.80 -8.23
N PRO C 264 8.01 -19.90 -7.48
CA PRO C 264 8.26 -21.17 -8.16
C PRO C 264 6.95 -21.48 -8.86
N LYS C 265 7.01 -22.13 -10.03
CA LYS C 265 5.79 -22.46 -10.76
C LYS C 265 5.06 -23.62 -10.12
N TYR C 266 3.74 -23.50 -10.05
CA TYR C 266 2.89 -24.53 -9.46
C TYR C 266 1.85 -25.07 -10.41
N ALA C 267 1.76 -26.38 -10.50
CA ALA C 267 0.78 -26.96 -11.38
C ALA C 267 -0.62 -26.92 -10.80
N GLY C 268 -0.74 -27.01 -9.48
CA GLY C 268 -2.04 -27.02 -8.84
C GLY C 268 -2.55 -28.44 -8.86
N TYR C 269 -3.63 -28.72 -8.15
CA TYR C 269 -4.16 -30.08 -8.13
C TYR C 269 -5.57 -30.02 -8.66
N SER C 270 -6.02 -31.11 -9.26
CA SER C 270 -7.36 -31.12 -9.81
C SER C 270 -8.37 -31.02 -8.68
N PHE C 271 -9.55 -30.50 -9.00
CA PHE C 271 -10.57 -30.41 -7.99
C PHE C 271 -11.01 -31.79 -7.50
N GLU C 272 -10.70 -32.84 -8.24
CA GLU C 272 -11.05 -34.16 -7.79
C GLU C 272 -10.08 -34.58 -6.70
N LYS C 273 -8.92 -33.93 -6.64
CA LYS C 273 -7.96 -34.24 -5.59
C LYS C 273 -8.25 -33.23 -4.48
N LEU C 274 -8.52 -31.99 -4.85
CA LEU C 274 -8.81 -30.98 -3.87
C LEU C 274 -10.02 -31.32 -3.03
N PHE C 275 -11.01 -31.93 -3.65
CA PHE C 275 -12.23 -32.29 -2.94
C PHE C 275 -12.71 -33.66 -3.38
N PRO C 276 -12.16 -34.71 -2.79
CA PRO C 276 -12.62 -36.04 -3.20
C PRO C 276 -14.05 -36.30 -2.71
N ASP C 277 -14.76 -37.20 -3.39
CA ASP C 277 -16.14 -37.57 -3.04
C ASP C 277 -16.44 -37.76 -1.55
N VAL C 278 -15.58 -38.49 -0.84
CA VAL C 278 -15.78 -38.78 0.58
C VAL C 278 -16.12 -37.60 1.45
N LEU C 279 -15.56 -36.43 1.16
CA LEU C 279 -15.81 -35.25 1.97
C LEU C 279 -17.16 -34.58 1.72
N PHE C 280 -17.76 -34.85 0.57
CA PHE C 280 -19.06 -34.29 0.27
C PHE C 280 -20.15 -35.12 0.91
N PRO C 281 -21.34 -34.54 1.09
CA PRO C 281 -22.46 -35.28 1.67
C PRO C 281 -22.79 -36.51 0.83
N ALA C 282 -23.33 -37.53 1.48
CA ALA C 282 -23.70 -38.78 0.80
C ALA C 282 -24.60 -38.59 -0.42
N ASP C 283 -24.07 -38.96 -1.59
CA ASP C 283 -24.82 -38.89 -2.85
C ASP C 283 -25.91 -39.95 -2.72
N SER C 284 -27.15 -39.53 -2.56
CA SER C 284 -28.21 -40.54 -2.44
C SER C 284 -28.62 -40.94 -3.87
N GLU C 285 -29.84 -40.54 -4.22
CA GLU C 285 -30.46 -40.75 -5.53
C GLU C 285 -31.74 -39.94 -5.34
N HIS C 286 -31.58 -38.66 -5.67
CA HIS C 286 -32.62 -37.62 -5.63
C HIS C 286 -32.04 -36.61 -6.63
N ASN C 287 -32.01 -37.06 -7.89
CA ASN C 287 -31.49 -36.31 -9.03
C ASN C 287 -30.75 -35.06 -8.59
N LYS C 288 -31.51 -34.05 -8.19
CA LYS C 288 -30.94 -32.77 -7.76
C LYS C 288 -29.50 -32.69 -7.18
N LEU C 289 -29.35 -32.97 -5.90
CA LEU C 289 -28.09 -32.84 -5.20
C LEU C 289 -27.08 -33.99 -5.28
N LYS C 290 -26.06 -33.78 -6.09
CA LYS C 290 -24.98 -34.76 -6.30
C LYS C 290 -23.63 -34.11 -5.95
N ALA C 291 -22.71 -34.89 -5.40
CA ALA C 291 -21.39 -34.39 -5.02
C ALA C 291 -20.67 -33.74 -6.20
N SER C 292 -20.76 -34.40 -7.36
CA SER C 292 -20.13 -33.92 -8.57
C SER C 292 -20.56 -32.51 -8.95
N GLN C 293 -21.82 -32.16 -8.68
CA GLN C 293 -22.32 -30.83 -9.02
C GLN C 293 -21.78 -29.80 -8.04
N ALA C 294 -21.57 -30.21 -6.80
CA ALA C 294 -21.05 -29.31 -5.77
C ALA C 294 -19.60 -28.95 -6.12
N ARG C 295 -18.85 -29.96 -6.55
CA ARG C 295 -17.47 -29.78 -6.95
C ARG C 295 -17.44 -28.90 -8.17
N ASP C 296 -18.48 -28.96 -8.98
CA ASP C 296 -18.51 -28.14 -10.16
C ASP C 296 -18.69 -26.68 -9.77
N LEU C 297 -19.63 -26.44 -8.86
CA LEU C 297 -19.89 -25.09 -8.42
C LEU C 297 -18.62 -24.56 -7.77
N LEU C 298 -17.98 -25.41 -6.96
CA LEU C 298 -16.74 -25.03 -6.29
C LEU C 298 -15.69 -24.61 -7.29
N SER C 299 -15.55 -25.40 -8.35
CA SER C 299 -14.55 -25.17 -9.37
C SER C 299 -14.76 -23.91 -10.19
N LYS C 300 -15.90 -23.26 -10.00
CA LYS C 300 -16.15 -22.05 -10.73
C LYS C 300 -16.04 -20.83 -9.86
N MET C 301 -15.93 -21.04 -8.56
CA MET C 301 -15.80 -19.92 -7.64
C MET C 301 -14.34 -19.74 -7.29
N LEU C 302 -13.65 -20.85 -7.11
CA LEU C 302 -12.25 -20.83 -6.76
C LEU C 302 -11.40 -20.65 -8.00
N VAL C 303 -11.69 -19.61 -8.76
CA VAL C 303 -10.91 -19.27 -9.95
C VAL C 303 -10.15 -18.01 -9.59
N ILE C 304 -8.84 -18.03 -9.77
CA ILE C 304 -8.01 -16.88 -9.41
C ILE C 304 -8.37 -15.66 -10.22
N ASP C 305 -8.47 -15.82 -11.53
CA ASP C 305 -8.80 -14.69 -12.39
C ASP C 305 -10.27 -14.26 -12.25
N ALA C 306 -10.53 -13.18 -11.52
CA ALA C 306 -11.88 -12.70 -11.30
C ALA C 306 -12.74 -12.59 -12.56
N SER C 307 -12.13 -12.35 -13.71
CA SER C 307 -12.90 -12.20 -14.94
C SER C 307 -13.48 -13.53 -15.43
N LYS C 308 -12.91 -14.64 -15.00
CA LYS C 308 -13.39 -15.95 -15.38
C LYS C 308 -14.13 -16.58 -14.21
N ARG C 309 -14.29 -15.82 -13.13
CA ARG C 309 -14.95 -16.37 -11.96
C ARG C 309 -16.46 -16.16 -12.05
N ILE C 310 -17.20 -17.19 -11.65
CA ILE C 310 -18.67 -17.20 -11.65
C ILE C 310 -19.22 -15.97 -10.93
N SER C 311 -20.44 -15.58 -11.26
CA SER C 311 -21.10 -14.42 -10.62
C SER C 311 -22.19 -14.92 -9.65
N VAL C 312 -22.80 -14.03 -8.88
CA VAL C 312 -23.82 -14.50 -7.97
C VAL C 312 -25.04 -15.05 -8.67
N ASP C 313 -25.59 -14.29 -9.62
CA ASP C 313 -26.78 -14.74 -10.35
C ASP C 313 -26.49 -16.05 -11.04
N GLU C 314 -25.29 -16.18 -11.57
CA GLU C 314 -24.94 -17.41 -12.25
C GLU C 314 -24.94 -18.54 -11.25
N ALA C 315 -24.48 -18.23 -10.03
CA ALA C 315 -24.42 -19.22 -8.96
C ALA C 315 -25.82 -19.67 -8.58
N LEU C 316 -26.74 -18.73 -8.40
CA LEU C 316 -28.10 -19.11 -8.05
C LEU C 316 -28.73 -20.00 -9.16
N GLN C 317 -28.20 -19.90 -10.38
CA GLN C 317 -28.71 -20.69 -11.49
C GLN C 317 -28.08 -22.06 -11.57
N HIS C 318 -27.14 -22.33 -10.66
CA HIS C 318 -26.43 -23.60 -10.65
C HIS C 318 -27.26 -24.80 -10.19
N PRO C 319 -27.10 -25.94 -10.88
CA PRO C 319 -27.82 -27.18 -10.56
C PRO C 319 -27.82 -27.52 -9.06
N TYR C 320 -26.70 -27.31 -8.38
CA TYR C 320 -26.62 -27.62 -6.95
C TYR C 320 -27.34 -26.60 -6.11
N ILE C 321 -27.60 -25.44 -6.68
CA ILE C 321 -28.27 -24.41 -5.90
C ILE C 321 -29.70 -24.19 -6.35
N ASN C 322 -29.88 -24.15 -7.67
CA ASN C 322 -31.17 -23.86 -8.30
C ASN C 322 -32.42 -24.48 -7.66
N VAL C 323 -32.32 -25.70 -7.17
CA VAL C 323 -33.48 -26.35 -6.56
C VAL C 323 -34.35 -25.51 -5.62
N TRP C 324 -33.75 -24.64 -4.80
CA TRP C 324 -34.55 -23.83 -3.86
C TRP C 324 -34.94 -22.47 -4.39
N TYR C 325 -34.57 -22.18 -5.63
CA TYR C 325 -34.85 -20.89 -6.23
C TYR C 325 -36.31 -20.41 -6.14
N ASP C 326 -36.48 -19.20 -5.62
CA ASP C 326 -37.79 -18.60 -5.52
C ASP C 326 -37.64 -17.09 -5.74
N PRO C 327 -38.05 -16.62 -6.93
CA PRO C 327 -37.98 -15.20 -7.33
C PRO C 327 -38.18 -14.15 -6.23
N SER C 328 -39.06 -14.40 -5.26
CA SER C 328 -39.26 -13.40 -4.18
C SER C 328 -38.06 -13.28 -3.20
N GLU C 329 -37.09 -14.17 -3.33
CA GLU C 329 -35.92 -14.11 -2.45
C GLU C 329 -34.66 -13.91 -3.30
N ALA C 330 -34.61 -14.59 -4.45
CA ALA C 330 -33.45 -14.54 -5.37
C ALA C 330 -33.42 -13.36 -6.35
N GLU C 331 -34.34 -12.42 -6.15
CA GLU C 331 -34.42 -11.21 -6.96
C GLU C 331 -35.56 -10.39 -6.39
N ALA C 332 -35.27 -9.77 -5.25
CA ALA C 332 -36.22 -8.94 -4.52
C ALA C 332 -35.96 -7.47 -4.85
N PRO C 333 -36.72 -6.55 -4.24
CA PRO C 333 -36.52 -5.12 -4.51
C PRO C 333 -35.26 -4.58 -3.81
N PRO C 334 -34.21 -4.22 -4.59
CA PRO C 334 -32.90 -3.69 -4.15
C PRO C 334 -32.97 -2.68 -3.01
N PRO C 335 -32.03 -2.76 -2.05
CA PRO C 335 -32.07 -1.80 -0.93
C PRO C 335 -32.11 -0.36 -1.43
N LYS C 336 -32.82 0.49 -0.73
CA LYS C 336 -32.91 1.88 -1.15
C LYS C 336 -32.10 2.76 -0.23
N ILE C 337 -30.84 2.87 -0.57
CA ILE C 337 -29.92 3.69 0.20
C ILE C 337 -30.17 5.11 -0.29
N PRO C 338 -30.72 5.95 0.60
CA PRO C 338 -31.05 7.36 0.32
C PRO C 338 -29.98 7.97 -0.56
N ASP C 339 -28.84 8.22 0.04
CA ASP C 339 -27.76 8.84 -0.70
C ASP C 339 -26.59 9.27 0.15
N LYS C 340 -26.73 9.07 1.47
CA LYS C 340 -25.66 9.42 2.37
C LYS C 340 -24.51 8.57 1.86
N GLN C 341 -24.85 7.40 1.33
CA GLN C 341 -23.84 6.48 0.80
C GLN C 341 -23.02 7.23 -0.24
N LEU C 342 -23.71 8.07 -1.01
CA LEU C 342 -23.01 8.85 -2.03
C LEU C 342 -21.82 9.64 -1.40
N ASP C 343 -21.95 10.03 -0.11
CA ASP C 343 -20.92 10.78 0.65
C ASP C 343 -19.56 10.09 0.50
N GLU C 344 -19.48 9.19 -0.50
CA GLU C 344 -18.28 8.42 -0.84
C GLU C 344 -17.02 9.28 -1.08
N ARG C 345 -16.93 10.37 -0.31
CA ARG C 345 -15.76 11.24 -0.36
C ARG C 345 -15.11 11.01 1.00
N GLU C 346 -14.46 12.02 1.53
CA GLU C 346 -13.84 11.84 2.82
C GLU C 346 -13.86 13.17 3.54
N HIS C 347 -14.35 13.14 4.78
CA HIS C 347 -14.45 14.33 5.58
C HIS C 347 -13.53 14.16 6.78
N THR C 348 -13.41 15.23 7.57
CA THR C 348 -12.57 15.21 8.76
C THR C 348 -13.33 14.46 9.87
N ILE C 349 -12.56 13.82 10.73
CA ILE C 349 -13.13 13.10 11.85
C ILE C 349 -14.41 13.82 12.33
N GLU C 350 -14.27 14.99 12.96
CA GLU C 350 -15.46 15.70 13.44
C GLU C 350 -16.64 15.64 12.44
N GLU C 351 -16.32 15.80 11.16
CA GLU C 351 -17.37 15.78 10.15
C GLU C 351 -18.13 14.45 10.19
N TRP C 352 -17.42 13.33 10.11
CA TRP C 352 -18.11 12.04 10.20
C TRP C 352 -18.85 12.06 11.55
N LYS C 353 -18.09 12.27 12.64
CA LYS C 353 -18.65 12.32 13.99
C LYS C 353 -20.02 13.04 14.00
N GLU C 354 -20.15 13.99 13.07
CA GLU C 354 -21.35 14.79 12.89
C GLU C 354 -22.41 13.91 12.28
N LEU C 355 -22.19 13.49 11.04
CA LEU C 355 -23.17 12.64 10.37
C LEU C 355 -23.49 11.44 11.23
N ILE C 356 -22.46 10.86 11.87
CA ILE C 356 -22.71 9.70 12.70
C ILE C 356 -23.68 10.07 13.81
N TYR C 357 -23.37 11.14 14.53
CA TYR C 357 -24.24 11.57 15.63
C TYR C 357 -25.67 11.81 15.14
N LYS C 358 -25.81 12.45 13.99
CA LYS C 358 -27.16 12.68 13.48
C LYS C 358 -27.81 11.34 13.14
N GLU C 359 -27.11 10.49 12.39
CA GLU C 359 -27.68 9.18 12.02
C GLU C 359 -28.13 8.42 13.29
N VAL C 360 -27.24 8.30 14.27
CA VAL C 360 -27.61 7.64 15.50
C VAL C 360 -28.82 8.33 16.12
N MET C 361 -28.82 9.66 16.08
CA MET C 361 -29.93 10.42 16.66
C MET C 361 -31.28 10.14 15.98
N ASP C 362 -31.43 10.54 14.72
CA ASP C 362 -32.69 10.34 14.01
C ASP C 362 -32.93 8.88 13.66
N LEU C 363 -32.22 7.98 14.35
CA LEU C 363 -32.35 6.53 14.12
C LEU C 363 -32.72 5.80 15.43
N GLU C 364 -32.32 6.39 16.56
CA GLU C 364 -32.60 5.81 17.89
C GLU C 364 -34.09 5.65 18.15
N PRO D 1 -38.26 -31.26 -3.77
CA PRO D 1 -37.64 -31.39 -2.41
C PRO D 1 -38.05 -30.23 -1.49
N LYS D 2 -38.52 -30.55 -0.28
CA LYS D 2 -38.91 -29.47 0.63
C LYS D 2 -37.74 -28.95 1.47
N ARG D 3 -37.74 -27.64 1.66
CA ARG D 3 -36.68 -27.00 2.42
C ARG D 3 -36.52 -27.56 3.83
N PRO D 4 -35.27 -27.72 4.27
CA PRO D 4 -35.00 -28.24 5.61
C PRO D 4 -35.63 -27.30 6.61
N THR D 5 -35.99 -27.83 7.78
CA THR D 5 -36.62 -27.01 8.79
C THR D 5 -35.88 -27.12 10.13
N THR D 6 -34.83 -27.94 10.17
CA THR D 6 -34.09 -28.10 11.41
C THR D 6 -32.60 -28.33 11.22
N LEU D 7 -31.80 -27.56 11.95
CA LEU D 7 -30.36 -27.69 11.90
C LEU D 7 -29.97 -27.93 13.35
N ASN D 8 -29.38 -29.08 13.63
CA ASN D 8 -29.00 -29.35 15.00
C ASN D 8 -27.69 -28.64 15.28
N LEU D 9 -27.74 -27.58 16.07
CA LEU D 9 -26.57 -26.79 16.40
C LEU D 9 -26.01 -27.18 17.75
N PHE D 10 -26.21 -28.44 18.10
CA PHE D 10 -25.76 -28.92 19.40
C PHE D 10 -24.71 -30.06 19.26
N1 46A E . 5.13 -2.85 -1.23
C5 46A E . 5.46 -3.24 1.45
C6 46A E . 4.16 -2.74 2.08
C7 46A E . 4.28 -1.97 3.25
C8 46A E . 3.15 -1.48 3.92
C10 46A E . 1.72 -2.50 2.27
C13 46A E . -0.27 -2.14 4.63
C15 46A E . -1.66 -0.43 5.71
C17 46A E . 0.39 0.25 4.57
C28 46A E . 4.99 -3.66 -3.51
C 46A E . 7.65 -6.56 2.24
C2 46A E . 7.06 -6.26 0.88
C3 46A E . 5.63 -5.72 1.10
N 46A E . 5.44 -4.36 0.53
C9 46A E . 1.86 -1.74 3.44
C11 46A E . 2.85 -3.02 1.58
C12 46A E . 0.66 -1.22 4.21
C14 46A E . -1.42 -1.77 5.36
C16 46A E . -0.76 0.57 5.30
C18 46A E . 1.29 1.37 4.22
N19 46A E . 1.70 2.30 5.09
N20 46A E . 2.52 3.15 4.44
N21 46A E . 2.62 2.74 3.13
N22 46A E . 1.85 1.63 3.00
C23 46A E . 4.98 -2.60 -2.55
C25 46A E . 5.29 -4.14 -0.82
N2 46A E . 5.30 -5.20 -1.68
C27 46A E . 5.15 -4.98 -3.01
C29 46A E . 5.18 -6.17 -3.91
C30 46A E . 4.80 -1.18 -2.98
C31 46A E . 9.02 -7.24 2.22
S SO4 F . 10.70 -2.77 -8.14
O1 SO4 F . 11.41 -3.25 -7.02
O2 SO4 F . 9.95 -1.62 -7.77
O3 SO4 F . 11.63 -2.45 -9.15
O4 SO4 F . 9.80 -3.78 -8.57
S SO4 G . 4.81 11.26 -3.38
O1 SO4 G . 4.48 12.56 -2.79
O2 SO4 G . 6.03 11.36 -4.12
O3 SO4 G . 4.92 10.30 -2.28
O4 SO4 G . 3.76 10.82 -4.30
N1 46A H . 0.02 -5.97 0.94
C5 46A H . 0.18 -6.41 -1.82
C6 46A H . 0.39 -5.08 -2.52
C7 46A H . -0.23 -4.91 -3.78
C8 46A H . -0.07 -3.70 -4.49
C10 46A H . 1.31 -2.78 -2.72
C13 46A H . 2.12 -1.00 -5.19
C15 46A H . 1.27 1.06 -6.24
C17 46A H . -0.31 -0.42 -5.09
C28 46A H . 0.83 -6.21 3.20
C 46A H . 1.89 -9.85 -2.57
C2 46A H . 2.13 -9.17 -1.23
C3 46A H . 2.30 -7.65 -1.47
N 46A H . 1.19 -6.90 -0.87
C9 46A H . 0.69 -2.63 -3.97
C11 46A H . 1.16 -4.00 -2.00
C12 46A H . 0.86 -1.35 -4.75
C14 46A H . 2.35 0.18 -5.91
C16 46A H . -0.05 0.75 -5.82
C18 46A H . -1.72 -0.72 -4.67
N19 46A H . -2.74 -0.98 -5.51
N20 46A H . -3.88 -1.21 -4.78
N21 46A H . -3.55 -1.09 -3.45
N22 46A H . -2.21 -0.79 -3.41
C23 46A H . -0.12 -5.75 2.27
C25 46A H . 1.08 -6.66 0.50
N2 46A H . 2.05 -7.14 1.34
C27 46A H . 1.91 -6.92 2.68
C29 46A H . 2.98 -7.45 3.59
C30 46A H . -1.33 -4.99 2.73
C31 46A H . 1.97 -11.38 -2.53
S SO4 I . -2.80 -10.63 7.88
O1 SO4 I . -2.55 -11.61 6.89
O2 SO4 I . -3.73 -9.71 7.37
O3 SO4 I . -3.29 -11.24 9.03
O4 SO4 I . -1.59 -9.96 8.20
S SO4 J . -12.04 1.34 2.47
O1 SO4 J . -13.16 2.14 2.02
O2 SO4 J . -12.47 0.44 3.53
O3 SO4 J . -11.52 0.55 1.34
O4 SO4 J . -10.99 2.22 3.00
#